data_4JDT
#
_entry.id   4JDT
#
_cell.length_a   65.664
_cell.length_b   69.815
_cell.length_c   207.768
_cell.angle_alpha   90.00
_cell.angle_beta   90.00
_cell.angle_gamma   90.00
#
_symmetry.space_group_name_H-M   'P 21 21 21'
#
loop_
_entity.id
_entity.type
_entity.pdbx_description
1 polymer gp120
2 polymer 'Fab heavy chain'
3 polymer 'Fab light chain'
4 non-polymer 'SULFATE ION'
5 non-polymer 2-acetamido-2-deoxy-beta-D-glucopyranose
#
loop_
_entity_poly.entity_id
_entity_poly.type
_entity_poly.pdbx_seq_one_letter_code
_entity_poly.pdbx_strand_id
1 'polypeptide(L)'
;VWKDADTTLFCASDAKAHETECHNVWATHACVPTDPNPQEIHLENVTENFNMWKNNMVEQMQEDVISLWDQCLQPCVKLT
GGSVIKQACPKISFDPIPIHYCTPAGYVILKCNDKNFNGTGPCKNVSSVQCTHGIKPVVSTQLLLNGSLAEEEIIIRSEN
LTNNAKTIIVHLNKSVEINCTRPSNGGSGSGGDIRKAYCEINGTKWNKVLKQVTEKLKEHFNNKTIIFQPPSGGDLEITM
HHFNCRGEFFYCNTTQLFNNTCIGNETMKGCNGTITLPCKIKQIINMWQGTGQAMYAPPIDGKINCVSNITGILLTRDGG
ANNTSNETFRPGGGNIKDNWRSELYKYKVVQIEGSHHHHHH
;
G
2 'polypeptide(L)'
;QVQLVQSGAEVKKPGASVKVSCKASGYTFTGYYMHWVRQAPGQGLEWMGWINPNSGGTNYAQKFQGRVTMTRDTSISTAY
MELSRLRSDDTAVYYCARGKYCTARDYYNWDFQHWGQGTLVTVSSASTKGPSVFPLAPSSKSTSGGTAALGCLVKDYFPE
PVTVSWNSGALTSGVHTFPAVLQSSGLYSLSSVVTVPSSSLGTQTYICNVNHKPSNTKVDKRVEPKSCDKTH
;
H
3 'polypeptide(L)'
;EIVLTQSPATLSLSPGETAIISCRTSQSGSLAWYQQRPGQAPRLVIYSGSTRAAGIPDRFSGSRWGADYNLSISNLESGD
FGVYYCQQYEFFGQGTKVQVDIKRTVAAPSVFIFPPSDEQLKSGTASVVCLLNNFYPREAKVQWKVDNALQSGNSQESVT
EQDSKDSTYSLSSTLTLSKADYEKHKVYACEVTHQGLSSPVTKSFNRGEC
;
L
#
# COMPACT_ATOMS: atom_id res chain seq x y z
N VAL A 1 17.13 -23.01 34.74
CA VAL A 1 18.45 -22.61 35.24
C VAL A 1 18.79 -21.20 34.78
N TRP A 2 18.32 -20.80 33.60
CA TRP A 2 18.52 -19.44 33.10
C TRP A 2 17.25 -18.93 32.40
N LYS A 3 17.18 -17.65 32.10
CA LYS A 3 15.99 -17.16 31.44
C LYS A 3 16.40 -16.10 30.42
N ASP A 4 15.62 -15.92 29.36
CA ASP A 4 15.96 -14.86 28.42
C ASP A 4 15.84 -13.53 29.14
N ALA A 5 16.74 -12.62 28.79
CA ALA A 5 16.84 -11.35 29.47
C ALA A 5 17.64 -10.34 28.65
N ASP A 6 17.34 -9.06 28.85
CA ASP A 6 18.18 -7.98 28.32
C ASP A 6 19.06 -7.43 29.44
N THR A 7 20.14 -6.73 29.05
CA THR A 7 21.08 -6.12 29.99
C THR A 7 22.08 -5.19 29.31
N THR A 8 22.94 -4.57 30.11
CA THR A 8 23.97 -3.71 29.58
C THR A 8 25.28 -4.46 29.33
N LEU A 9 25.66 -4.53 28.06
CA LEU A 9 26.89 -5.21 27.65
C LEU A 9 28.06 -4.25 27.56
N PHE A 10 29.27 -4.78 27.64
CA PHE A 10 30.47 -3.98 27.39
C PHE A 10 31.30 -4.50 26.19
N CYS A 11 32.07 -3.62 25.57
CA CYS A 11 32.83 -3.98 24.38
C CYS A 11 34.29 -4.31 24.69
N ALA A 12 34.91 -5.13 23.85
CA ALA A 12 36.31 -5.48 23.99
C ALA A 12 37.04 -5.45 22.62
N SER A 13 38.30 -4.98 22.59
CA SER A 13 39.03 -4.91 21.30
C SER A 13 40.55 -4.99 21.45
N ASP A 14 41.28 -4.87 20.34
CA ASP A 14 42.75 -4.90 20.34
C ASP A 14 43.27 -3.54 19.94
N ALA A 15 42.49 -2.52 20.26
CA ALA A 15 42.86 -1.14 19.96
C ALA A 15 44.12 -0.68 20.73
N LYS A 16 45.02 0.04 20.07
CA LYS A 16 46.23 0.42 20.74
C LYS A 16 46.25 1.92 20.98
N ALA A 17 46.74 2.30 22.15
CA ALA A 17 46.86 3.69 22.54
C ALA A 17 47.64 4.52 21.52
N HIS A 18 48.64 3.91 20.91
CA HIS A 18 49.47 4.66 19.98
C HIS A 18 48.75 4.90 18.72
N GLU A 19 47.82 4.02 18.41
CA GLU A 19 47.11 4.16 17.18
C GLU A 19 46.06 5.28 17.30
N THR A 20 46.05 6.15 16.30
CA THR A 20 45.24 7.36 16.32
C THR A 20 44.09 7.35 15.30
N GLU A 21 43.95 6.26 14.57
CA GLU A 21 42.80 6.05 13.70
C GLU A 21 41.60 6.14 14.61
N CYS A 22 40.51 6.72 14.10
CA CYS A 22 39.40 7.11 14.96
C CYS A 22 38.69 5.98 15.72
N HIS A 23 38.39 4.88 15.05
CA HIS A 23 37.74 3.78 15.75
C HIS A 23 38.59 3.23 16.85
N ASN A 24 39.84 2.98 16.51
CA ASN A 24 40.82 2.49 17.46
C ASN A 24 40.86 3.36 18.73
N VAL A 25 40.79 4.68 18.55
CA VAL A 25 40.90 5.56 19.71
C VAL A 25 39.60 5.42 20.52
N TRP A 26 38.48 5.44 19.79
CA TRP A 26 37.18 5.25 20.44
C TRP A 26 37.14 3.98 21.28
N ALA A 27 37.74 2.91 20.76
CA ALA A 27 37.79 1.64 21.46
C ALA A 27 38.70 1.74 22.69
N THR A 28 39.88 2.36 22.59
CA THR A 28 40.70 2.49 23.81
C THR A 28 39.95 3.22 24.93
N HIS A 29 38.97 4.04 24.56
CA HIS A 29 38.21 4.76 25.56
C HIS A 29 36.97 4.02 26.04
N ALA A 30 36.21 3.47 25.11
CA ALA A 30 34.93 2.83 25.40
C ALA A 30 35.18 1.41 25.84
N CYS A 31 36.14 0.72 25.24
CA CYS A 31 36.26 -0.74 25.46
C CYS A 31 37.39 -1.20 26.37
N VAL A 32 37.43 -2.52 26.59
CA VAL A 32 38.51 -3.18 27.30
C VAL A 32 39.28 -4.16 26.41
N PRO A 33 40.47 -4.61 26.87
CA PRO A 33 41.21 -5.58 26.06
C PRO A 33 40.45 -6.88 25.79
N THR A 34 40.58 -7.39 24.57
CA THR A 34 39.97 -8.65 24.17
C THR A 34 40.48 -9.77 25.10
N ASP A 35 39.65 -10.76 25.39
CA ASP A 35 40.07 -11.86 26.27
C ASP A 35 41.32 -12.54 25.71
N PRO A 36 42.39 -12.58 26.51
CA PRO A 36 43.60 -13.24 26.00
C PRO A 36 43.33 -14.72 25.73
N ASN A 37 42.49 -15.34 26.57
CA ASN A 37 42.15 -16.74 26.42
C ASN A 37 40.65 -16.96 26.60
N PRO A 38 39.88 -16.93 25.50
CA PRO A 38 38.43 -17.14 25.47
C PRO A 38 38.07 -18.56 25.91
N GLN A 39 36.90 -18.75 26.52
CA GLN A 39 36.44 -20.09 26.90
C GLN A 39 35.02 -20.38 26.41
N GLU A 40 34.87 -21.31 25.47
CA GLU A 40 33.54 -21.71 24.97
C GLU A 40 33.04 -23.11 25.40
N ILE A 41 32.05 -23.15 26.29
CA ILE A 41 31.46 -24.43 26.74
C ILE A 41 30.18 -24.87 25.96
N HIS A 42 30.25 -26.00 25.28
CA HIS A 42 29.09 -26.60 24.62
C HIS A 42 28.56 -27.79 25.43
N LEU A 43 27.26 -27.82 25.68
CA LEU A 43 26.67 -28.92 26.42
C LEU A 43 25.54 -29.61 25.68
N GLU A 44 25.62 -30.92 25.59
CA GLU A 44 24.56 -31.73 24.99
C GLU A 44 23.34 -31.67 25.90
N ASN A 45 22.24 -32.28 25.46
CA ASN A 45 21.00 -32.31 26.23
C ASN A 45 20.23 -31.01 26.44
N VAL A 46 20.57 -29.98 25.69
CA VAL A 46 19.86 -28.71 25.83
C VAL A 46 19.38 -28.14 24.51
N THR A 47 18.28 -27.41 24.56
CA THR A 47 17.65 -26.82 23.38
C THR A 47 17.26 -25.39 23.69
N GLU A 48 17.47 -24.46 22.76
CA GLU A 48 17.12 -23.07 23.08
C GLU A 48 16.48 -22.41 21.86
N ASN A 49 15.53 -21.51 22.05
CA ASN A 49 14.99 -20.76 20.91
C ASN A 49 15.72 -19.45 20.63
N PHE A 50 16.06 -19.23 19.36
CA PHE A 50 16.66 -17.98 18.96
C PHE A 50 15.81 -17.18 17.99
N ASN A 51 15.86 -15.85 18.10
CA ASN A 51 15.25 -14.98 17.10
C ASN A 51 16.12 -13.75 16.76
N MET A 52 16.91 -13.81 15.70
CA MET A 52 17.82 -12.71 15.36
C MET A 52 17.12 -11.42 15.01
N TRP A 53 15.87 -11.54 14.62
CA TRP A 53 15.11 -10.38 14.22
C TRP A 53 14.61 -9.66 15.45
N LYS A 54 14.74 -10.30 16.60
CA LYS A 54 14.38 -9.66 17.84
C LYS A 54 15.47 -9.93 18.89
N ASN A 55 16.66 -9.39 18.61
CA ASN A 55 17.83 -9.51 19.46
C ASN A 55 18.26 -8.14 19.94
N ASN A 56 18.05 -7.81 21.22
CA ASN A 56 18.43 -6.51 21.79
C ASN A 56 19.89 -6.09 21.59
N MET A 57 20.75 -7.08 21.37
CA MET A 57 22.15 -6.79 21.17
C MET A 57 22.31 -5.90 19.94
N VAL A 58 21.40 -6.07 18.98
CA VAL A 58 21.43 -5.27 17.78
C VAL A 58 21.20 -3.81 18.12
N GLU A 59 20.30 -3.57 19.06
CA GLU A 59 19.98 -2.21 19.44
C GLU A 59 21.20 -1.60 20.11
N GLN A 60 21.86 -2.39 20.96
CA GLN A 60 23.01 -1.85 21.69
C GLN A 60 24.21 -1.51 20.80
N MET A 61 24.50 -2.43 19.89
CA MET A 61 25.57 -2.19 18.95
C MET A 61 25.20 -0.97 18.13
N GLN A 62 23.94 -0.87 17.74
CA GLN A 62 23.44 0.27 17.01
C GLN A 62 23.79 1.57 17.75
N GLU A 63 23.50 1.65 19.06
CA GLU A 63 23.80 2.86 19.84
C GLU A 63 25.27 3.16 19.88
N ASP A 64 26.08 2.11 19.85
CA ASP A 64 27.52 2.37 19.87
C ASP A 64 28.02 2.96 18.60
N VAL A 65 27.65 2.33 17.49
CA VAL A 65 28.06 2.83 16.23
C VAL A 65 27.55 4.26 16.00
N ILE A 66 26.38 4.58 16.56
CA ILE A 66 25.90 5.97 16.47
C ILE A 66 26.76 6.92 17.29
N SER A 67 27.23 6.37 18.41
CA SER A 67 28.12 7.11 19.29
C SER A 67 29.46 7.32 18.60
N LEU A 68 29.98 6.30 17.95
CA LEU A 68 31.25 6.34 17.26
C LEU A 68 31.23 7.37 16.15
N TRP A 69 30.12 7.40 15.42
CA TRP A 69 30.03 8.31 14.28
C TRP A 69 29.79 9.72 14.75
N ASP A 70 29.41 9.89 16.01
CA ASP A 70 29.13 11.24 16.46
C ASP A 70 30.37 12.06 16.86
N GLN A 71 31.47 11.40 17.17
CA GLN A 71 32.69 12.08 17.60
C GLN A 71 33.85 11.88 16.63
N CYS A 72 33.62 11.08 15.57
CA CYS A 72 34.65 10.78 14.58
C CYS A 72 34.36 11.26 13.19
N LEU A 73 33.08 11.31 12.86
CA LEU A 73 32.65 11.77 11.56
C LEU A 73 31.83 13.02 11.74
N GLN A 74 32.26 13.80 12.72
CA GLN A 74 31.65 15.08 12.98
C GLN A 74 31.73 15.84 11.65
N PRO A 75 30.59 16.27 11.11
CA PRO A 75 30.50 17.00 9.83
C PRO A 75 30.76 18.51 9.91
N CYS A 76 31.03 19.17 8.78
CA CYS A 76 31.27 20.62 8.78
C CYS A 76 29.99 21.37 9.09
N VAL A 77 28.89 20.89 8.51
CA VAL A 77 27.62 21.51 8.84
C VAL A 77 26.49 20.46 8.92
N LYS A 78 25.51 20.70 9.79
CA LYS A 78 24.37 19.82 9.91
C LYS A 78 23.08 20.52 9.60
N LEU A 79 22.30 19.97 8.67
CA LEU A 79 20.98 20.52 8.40
C LEU A 79 19.97 19.53 8.95
N THR A 80 19.47 19.78 10.15
CA THR A 80 18.53 18.85 10.79
C THR A 80 17.09 19.28 10.55
N GLY A 81 16.90 20.11 9.52
CA GLY A 81 15.58 20.62 9.14
C GLY A 81 15.04 21.67 10.10
N GLY A 82 15.21 21.43 11.41
CA GLY A 82 14.79 22.37 12.42
C GLY A 82 15.85 23.43 12.68
N SER A 83 17.10 23.08 12.37
CA SER A 83 18.23 23.99 12.57
C SER A 83 19.37 23.69 11.59
N VAL A 84 20.33 24.60 11.50
CA VAL A 84 21.51 24.41 10.65
C VAL A 84 22.77 24.80 11.43
N ILE A 85 23.53 23.82 11.92
CA ILE A 85 24.67 24.15 12.79
C ILE A 85 26.04 23.99 12.10
N LYS A 86 26.92 24.97 12.29
CA LYS A 86 28.25 24.87 11.76
C LYS A 86 29.11 24.32 12.89
N GLN A 87 30.15 23.58 12.53
CA GLN A 87 31.05 22.99 13.52
C GLN A 87 32.29 22.48 12.84
N ALA A 88 33.34 22.25 13.63
CA ALA A 88 34.61 21.79 13.11
C ALA A 88 34.38 20.57 12.22
N CYS A 89 35.21 20.48 11.18
CA CYS A 89 35.11 19.40 10.21
C CYS A 89 36.47 18.71 10.22
N PRO A 90 36.75 17.93 11.27
CA PRO A 90 38.08 17.34 11.38
C PRO A 90 38.28 16.34 10.25
N LYS A 91 39.49 16.28 9.70
CA LYS A 91 39.78 15.25 8.72
C LYS A 91 39.65 13.87 9.35
N ILE A 92 39.03 12.96 8.63
CA ILE A 92 38.68 11.66 9.14
C ILE A 92 39.52 10.51 8.57
N SER A 93 40.23 9.83 9.45
CA SER A 93 40.87 8.62 9.04
C SER A 93 40.25 7.53 9.86
N PHE A 94 39.61 6.56 9.22
CA PHE A 94 39.17 5.40 9.95
C PHE A 94 39.13 4.10 9.15
N ASP A 95 39.49 3.04 9.84
CA ASP A 95 39.28 1.70 9.36
C ASP A 95 38.54 1.04 10.49
N PRO A 96 37.38 0.33 10.14
CA PRO A 96 36.73 -0.31 11.30
C PRO A 96 37.63 -1.42 11.80
N ILE A 97 37.68 -1.63 13.11
CA ILE A 97 38.39 -2.76 13.68
C ILE A 97 37.39 -3.70 14.35
N PRO A 98 37.72 -5.01 14.46
CA PRO A 98 36.76 -5.95 15.07
C PRO A 98 36.48 -5.61 16.51
N ILE A 99 35.21 -5.56 16.88
CA ILE A 99 34.83 -5.30 18.26
C ILE A 99 34.08 -6.51 18.83
N HIS A 100 34.51 -6.97 20.00
CA HIS A 100 33.86 -8.08 20.66
C HIS A 100 32.86 -7.57 21.69
N TYR A 101 31.67 -8.16 21.72
CA TYR A 101 30.70 -7.85 22.76
C TYR A 101 30.60 -8.92 23.84
N CYS A 102 30.63 -8.43 25.07
CA CYS A 102 30.75 -9.23 26.27
C CYS A 102 29.66 -8.88 27.32
N THR A 103 29.34 -9.85 28.19
CA THR A 103 28.35 -9.69 29.28
C THR A 103 28.94 -9.36 30.69
N PRO A 104 28.17 -8.60 31.49
CA PRO A 104 28.54 -8.31 32.87
C PRO A 104 28.28 -9.55 33.68
N ALA A 105 28.65 -9.50 34.97
CA ALA A 105 28.44 -10.61 35.89
C ALA A 105 26.97 -10.99 35.90
N GLY A 106 26.69 -12.26 36.19
CA GLY A 106 25.31 -12.71 36.31
C GLY A 106 24.52 -12.87 35.02
N TYR A 107 25.19 -12.72 33.88
CA TYR A 107 24.52 -12.93 32.61
C TYR A 107 25.47 -13.82 31.82
N VAL A 108 25.16 -14.11 30.55
CA VAL A 108 26.05 -14.91 29.68
C VAL A 108 25.49 -15.00 28.30
N ILE A 109 26.34 -15.32 27.32
CA ILE A 109 25.91 -15.40 25.95
C ILE A 109 25.76 -16.82 25.52
N LEU A 110 24.71 -17.06 24.73
CA LEU A 110 24.50 -18.37 24.18
C LEU A 110 24.80 -18.19 22.71
N LYS A 111 25.44 -19.22 22.17
CA LYS A 111 25.95 -19.25 20.81
C LYS A 111 25.36 -20.45 20.11
N CYS A 112 24.84 -20.24 18.92
CA CYS A 112 24.27 -21.34 18.19
C CYS A 112 25.29 -21.92 17.19
N ASN A 113 25.70 -23.17 17.40
CA ASN A 113 26.71 -23.77 16.56
C ASN A 113 26.15 -24.75 15.53
N ASP A 114 24.87 -24.59 15.18
CA ASP A 114 24.27 -25.34 14.06
C ASP A 114 24.79 -24.79 12.75
N LYS A 115 25.46 -25.64 11.98
CA LYS A 115 26.17 -25.20 10.79
C LYS A 115 25.23 -24.63 9.72
N ASN A 116 23.93 -24.93 9.83
CA ASN A 116 22.91 -24.43 8.89
C ASN A 116 21.71 -23.77 9.56
N PHE A 117 21.95 -23.13 10.70
CA PHE A 117 20.93 -22.39 11.43
C PHE A 117 20.57 -21.13 10.63
N ASN A 118 19.31 -21.00 10.19
CA ASN A 118 18.92 -19.90 9.30
C ASN A 118 18.57 -18.58 10.01
N GLY A 119 18.57 -18.58 11.33
CA GLY A 119 18.36 -17.38 12.11
C GLY A 119 17.16 -17.27 13.04
N THR A 120 16.21 -18.18 12.91
CA THR A 120 15.04 -18.24 13.79
C THR A 120 14.64 -19.67 14.15
N GLY A 121 14.21 -19.89 15.40
CA GLY A 121 13.81 -21.24 15.78
C GLY A 121 14.59 -21.93 16.87
N PRO A 122 14.28 -23.21 17.13
CA PRO A 122 15.09 -23.83 18.18
C PRO A 122 16.46 -24.25 17.66
N CYS A 123 17.45 -24.23 18.55
CA CYS A 123 18.77 -24.67 18.18
C CYS A 123 19.09 -25.87 19.08
N LYS A 124 19.73 -26.84 18.44
CA LYS A 124 20.14 -28.14 19.00
C LYS A 124 21.54 -28.06 19.62
N ASN A 125 22.50 -27.61 18.80
CA ASN A 125 23.91 -27.45 19.19
C ASN A 125 24.11 -26.07 19.82
N VAL A 126 24.07 -26.02 21.15
CA VAL A 126 24.17 -24.75 21.85
C VAL A 126 25.44 -24.66 22.68
N SER A 127 26.06 -23.48 22.72
CA SER A 127 27.22 -23.34 23.58
C SER A 127 27.14 -22.04 24.37
N SER A 128 28.06 -21.86 25.31
CA SER A 128 28.04 -20.66 26.15
C SER A 128 29.35 -19.89 26.01
N VAL A 129 29.25 -18.59 25.72
CA VAL A 129 30.44 -17.77 25.63
C VAL A 129 30.28 -16.49 26.42
N GLN A 130 31.42 -15.91 26.80
CA GLN A 130 31.38 -14.67 27.55
C GLN A 130 31.47 -13.48 26.60
N CYS A 131 31.83 -13.73 25.34
CA CYS A 131 32.00 -12.67 24.33
C CYS A 131 31.77 -13.21 22.92
N THR A 132 31.18 -12.38 22.07
CA THR A 132 31.05 -12.65 20.63
C THR A 132 32.40 -12.75 19.92
N HIS A 133 32.40 -13.20 18.65
CA HIS A 133 33.59 -13.10 17.81
C HIS A 133 33.86 -11.64 17.45
N GLY A 134 35.04 -11.34 16.89
CA GLY A 134 35.36 -9.98 16.50
C GLY A 134 34.55 -9.52 15.31
N ILE A 135 33.76 -8.48 15.51
CA ILE A 135 32.90 -7.96 14.46
C ILE A 135 33.23 -6.56 13.99
N LYS A 136 33.36 -6.37 12.69
CA LYS A 136 33.71 -5.06 12.19
C LYS A 136 32.39 -4.35 11.90
N PRO A 137 32.24 -3.12 12.42
CA PRO A 137 31.03 -2.31 12.27
C PRO A 137 30.98 -1.60 10.92
N VAL A 138 30.84 -2.35 9.85
CA VAL A 138 30.80 -1.69 8.55
C VAL A 138 29.41 -1.20 8.20
N VAL A 139 29.35 0.11 8.02
CA VAL A 139 28.09 0.73 7.68
C VAL A 139 28.14 0.76 6.19
N SER A 140 27.20 0.04 5.60
CA SER A 140 27.13 -0.01 4.16
C SER A 140 25.73 -0.40 3.67
N THR A 141 25.47 -0.18 2.38
CA THR A 141 24.17 -0.54 1.81
C THR A 141 24.25 -1.47 0.61
N GLN A 142 23.20 -2.26 0.40
CA GLN A 142 23.13 -3.17 -0.75
C GLN A 142 24.07 -4.35 -0.58
N LEU A 143 25.34 -4.02 -0.41
CA LEU A 143 26.37 -5.00 -0.16
C LEU A 143 26.80 -5.02 1.29
N LEU A 144 26.92 -6.22 1.86
CA LEU A 144 27.47 -6.35 3.19
C LEU A 144 28.97 -6.53 3.06
N LEU A 145 29.72 -5.62 3.68
CA LEU A 145 31.16 -5.57 3.47
C LEU A 145 31.89 -6.07 4.74
N ASN A 146 32.93 -6.88 4.57
CA ASN A 146 33.86 -7.28 5.65
C ASN A 146 33.18 -8.02 6.80
N GLY A 147 32.16 -8.82 6.50
CA GLY A 147 31.51 -9.60 7.54
C GLY A 147 31.96 -11.05 7.58
N SER A 148 31.35 -11.84 8.46
CA SER A 148 31.59 -13.30 8.48
C SER A 148 30.89 -14.07 7.36
N LEU A 149 31.29 -15.34 7.20
CA LEU A 149 30.74 -16.18 6.12
C LEU A 149 30.04 -17.47 6.60
N ALA A 150 29.15 -18.00 5.78
CA ALA A 150 28.49 -19.29 5.98
C ALA A 150 29.53 -20.43 6.06
N GLU A 151 29.42 -21.35 7.02
CA GLU A 151 30.46 -22.39 7.15
C GLU A 151 30.32 -23.40 6.00
N GLU A 152 29.09 -23.80 5.71
CA GLU A 152 28.78 -24.76 4.65
C GLU A 152 28.35 -24.37 3.23
N GLU A 153 27.25 -23.61 3.11
CA GLU A 153 26.71 -23.16 1.83
C GLU A 153 25.79 -21.97 2.07
N ILE A 154 25.57 -21.19 1.02
CA ILE A 154 24.84 -19.92 1.06
C ILE A 154 23.52 -20.00 1.84
N ILE A 155 23.25 -19.00 2.68
CA ILE A 155 22.07 -19.02 3.57
C ILE A 155 21.17 -17.80 3.43
N ILE A 156 19.89 -18.06 3.26
CA ILE A 156 18.94 -16.96 3.17
C ILE A 156 18.27 -16.69 4.51
N ARG A 157 18.43 -15.46 4.98
CA ARG A 157 17.90 -15.10 6.30
C ARG A 157 16.74 -14.08 6.16
N SER A 158 15.59 -14.35 6.75
CA SER A 158 14.55 -13.32 6.83
C SER A 158 13.50 -13.59 7.89
N GLU A 159 12.89 -12.55 8.44
CA GLU A 159 11.89 -12.77 9.47
C GLU A 159 10.67 -13.50 8.96
N ASN A 160 10.15 -13.06 7.82
CA ASN A 160 9.10 -13.77 7.11
C ASN A 160 9.41 -13.64 5.63
N LEU A 161 9.68 -14.74 4.96
CA LEU A 161 10.04 -14.66 3.56
C LEU A 161 8.89 -14.11 2.74
N THR A 162 7.69 -14.57 3.08
CA THR A 162 6.50 -14.18 2.34
C THR A 162 6.26 -12.69 2.43
N ASN A 163 6.48 -12.15 3.62
CA ASN A 163 6.16 -10.82 3.91
C ASN A 163 7.18 -9.93 3.17
N ASN A 164 6.76 -9.26 2.09
CA ASN A 164 7.70 -8.54 1.22
C ASN A 164 8.31 -7.35 1.95
N ALA A 165 7.73 -7.00 3.09
CA ALA A 165 8.21 -5.89 3.89
C ALA A 165 9.25 -6.40 4.89
N LYS A 166 9.55 -7.69 4.83
CA LYS A 166 10.57 -8.18 5.72
C LYS A 166 11.83 -8.19 4.88
N THR A 167 12.92 -7.72 5.48
CA THR A 167 14.22 -7.60 4.82
C THR A 167 14.81 -8.97 4.55
N ILE A 168 15.36 -9.16 3.35
CA ILE A 168 16.11 -10.39 3.11
C ILE A 168 17.62 -10.18 3.16
N ILE A 169 18.35 -10.95 3.93
CA ILE A 169 19.82 -10.82 3.91
C ILE A 169 20.38 -12.13 3.37
N VAL A 170 21.14 -12.05 2.29
CA VAL A 170 21.79 -13.24 1.82
C VAL A 170 23.14 -13.24 2.46
N HIS A 171 23.51 -14.43 2.92
CA HIS A 171 24.77 -14.62 3.58
C HIS A 171 25.58 -15.64 2.79
N LEU A 172 26.47 -15.08 1.98
CA LEU A 172 27.37 -15.84 1.11
C LEU A 172 28.24 -16.83 1.85
N ASN A 173 28.59 -17.92 1.17
CA ASN A 173 29.48 -18.90 1.76
C ASN A 173 30.94 -18.71 1.32
N LYS A 174 31.15 -17.84 0.33
CA LYS A 174 32.49 -17.57 -0.20
C LYS A 174 32.54 -16.11 -0.68
N SER A 175 33.30 -15.26 0.01
CA SER A 175 33.33 -13.83 -0.27
C SER A 175 33.89 -13.47 -1.65
N VAL A 176 33.54 -12.27 -2.13
CA VAL A 176 34.06 -11.78 -3.41
C VAL A 176 34.56 -10.36 -3.21
N GLU A 177 35.82 -10.14 -3.58
CA GLU A 177 36.46 -8.85 -3.39
C GLU A 177 35.94 -7.76 -4.33
N ILE A 178 35.80 -6.56 -3.77
CA ILE A 178 35.48 -5.35 -4.53
C ILE A 178 36.52 -4.20 -4.38
N ASN A 179 37.25 -3.94 -5.46
CA ASN A 179 38.35 -2.96 -5.46
C ASN A 179 37.94 -1.53 -5.85
N CYS A 180 37.95 -0.59 -4.91
CA CYS A 180 37.51 0.78 -5.22
C CYS A 180 38.67 1.77 -5.21
N THR A 181 38.77 2.55 -6.28
CA THR A 181 39.86 3.50 -6.47
C THR A 181 39.42 4.86 -6.98
N ARG A 182 40.11 5.90 -6.51
CA ARG A 182 40.02 7.22 -7.10
C ARG A 182 41.42 7.75 -7.37
N PRO A 183 41.84 7.75 -8.65
CA PRO A 183 43.19 8.17 -9.05
C PRO A 183 43.52 9.57 -8.58
N SER A 184 44.79 9.96 -8.56
CA SER A 184 45.08 11.29 -8.07
C SER A 184 45.18 12.22 -9.28
N ASN A 185 45.50 13.49 -9.02
CA ASN A 185 45.72 14.53 -10.04
C ASN A 185 44.39 15.15 -10.50
N ILE A 194 37.41 15.27 -10.04
CA ILE A 194 37.97 14.87 -8.76
C ILE A 194 37.04 13.93 -8.02
N ARG A 195 35.74 14.22 -8.10
CA ARG A 195 34.72 13.41 -7.46
C ARG A 195 34.48 12.08 -8.14
N LYS A 196 35.12 11.88 -9.28
CA LYS A 196 34.97 10.64 -10.02
C LYS A 196 35.59 9.57 -9.14
N ALA A 197 35.28 8.32 -9.48
CA ALA A 197 35.76 7.13 -8.81
C ALA A 197 35.28 5.86 -9.49
N TYR A 198 35.92 4.74 -9.22
CA TYR A 198 35.47 3.47 -9.80
C TYR A 198 35.68 2.26 -8.89
N CYS A 199 34.98 1.17 -9.20
CA CYS A 199 35.10 -0.12 -8.50
C CYS A 199 35.34 -1.26 -9.47
N GLU A 200 36.02 -2.30 -9.00
CA GLU A 200 36.30 -3.46 -9.82
C GLU A 200 35.89 -4.77 -9.16
N ILE A 201 35.29 -5.68 -9.93
CA ILE A 201 34.92 -6.99 -9.40
C ILE A 201 35.20 -8.04 -10.48
N ASN A 202 35.70 -9.20 -10.05
CA ASN A 202 35.94 -10.32 -10.96
C ASN A 202 34.59 -10.90 -11.35
N GLY A 203 34.20 -10.72 -12.60
CA GLY A 203 32.93 -11.20 -13.09
C GLY A 203 32.68 -12.68 -12.86
N THR A 204 33.69 -13.51 -13.07
CA THR A 204 33.57 -14.97 -12.91
C THR A 204 33.17 -15.44 -11.49
N LYS A 205 33.95 -15.06 -10.48
CA LYS A 205 33.64 -15.43 -9.09
C LYS A 205 32.25 -14.93 -8.73
N TRP A 206 31.98 -13.66 -9.04
CA TRP A 206 30.71 -13.05 -8.71
C TRP A 206 29.55 -13.81 -9.34
N ASN A 207 29.52 -13.87 -10.67
CA ASN A 207 28.44 -14.54 -11.39
C ASN A 207 28.23 -15.98 -10.89
N LYS A 208 29.32 -16.69 -10.60
CA LYS A 208 29.22 -18.03 -10.03
C LYS A 208 28.41 -18.00 -8.72
N VAL A 209 28.74 -17.02 -7.88
CA VAL A 209 28.04 -16.87 -6.61
C VAL A 209 26.57 -16.46 -6.82
N LEU A 210 26.29 -15.82 -7.94
CA LEU A 210 24.90 -15.46 -8.25
C LEU A 210 24.13 -16.72 -8.64
N LYS A 211 24.67 -17.51 -9.56
CA LYS A 211 24.07 -18.79 -9.91
C LYS A 211 23.70 -19.52 -8.60
N GLN A 212 24.65 -19.60 -7.66
CA GLN A 212 24.43 -20.37 -6.42
C GLN A 212 23.34 -19.76 -5.51
N VAL A 213 23.36 -18.44 -5.36
CA VAL A 213 22.40 -17.77 -4.49
C VAL A 213 21.00 -17.86 -5.10
N THR A 214 20.89 -17.66 -6.40
CA THR A 214 19.59 -17.77 -7.01
C THR A 214 19.08 -19.19 -6.91
N GLU A 215 19.95 -20.19 -6.99
CA GLU A 215 19.44 -21.55 -6.84
C GLU A 215 18.96 -21.82 -5.39
N LYS A 216 19.67 -21.33 -4.39
CA LYS A 216 19.23 -21.53 -3.02
C LYS A 216 17.93 -20.79 -2.73
N LEU A 217 17.87 -19.56 -3.22
CA LEU A 217 16.71 -18.70 -2.99
C LEU A 217 15.49 -19.30 -3.65
N LYS A 218 15.69 -19.78 -4.86
CA LYS A 218 14.62 -20.38 -5.63
C LYS A 218 14.20 -21.55 -4.80
N GLU A 219 15.19 -22.24 -4.27
CA GLU A 219 14.93 -23.43 -3.47
C GLU A 219 13.85 -23.05 -2.46
N HIS A 220 13.81 -21.78 -2.06
CA HIS A 220 12.82 -21.32 -1.05
C HIS A 220 11.51 -20.75 -1.63
N PHE A 221 11.40 -20.70 -2.96
CA PHE A 221 10.17 -20.24 -3.62
C PHE A 221 9.50 -21.21 -4.59
N ASN A 222 9.58 -22.48 -4.22
CA ASN A 222 8.94 -23.58 -4.93
C ASN A 222 9.37 -23.66 -6.39
N ASN A 223 10.66 -23.43 -6.64
CA ASN A 223 11.27 -23.52 -7.97
C ASN A 223 10.48 -22.63 -8.93
N LYS A 224 10.44 -21.33 -8.66
CA LYS A 224 9.87 -20.38 -9.61
C LYS A 224 10.97 -19.48 -10.15
N THR A 225 10.84 -18.97 -11.36
CA THR A 225 11.91 -18.15 -11.92
C THR A 225 12.21 -16.87 -11.13
N ILE A 226 13.48 -16.73 -10.74
CA ILE A 226 14.02 -15.59 -9.98
C ILE A 226 14.72 -14.52 -10.84
N ILE A 227 14.27 -13.26 -10.74
CA ILE A 227 14.92 -12.20 -11.50
C ILE A 227 15.32 -10.99 -10.63
N PHE A 228 16.47 -10.39 -10.94
CA PHE A 228 16.95 -9.20 -10.23
C PHE A 228 16.69 -7.91 -10.99
N GLN A 229 16.45 -6.84 -10.24
CA GLN A 229 16.29 -5.50 -10.78
C GLN A 229 16.95 -4.45 -9.90
N PRO A 230 17.29 -3.29 -10.48
CA PRO A 230 17.84 -2.16 -9.72
C PRO A 230 16.77 -1.61 -8.80
N PRO A 231 17.14 -0.82 -7.80
CA PRO A 231 16.14 -0.28 -6.88
C PRO A 231 15.05 0.48 -7.60
N SER A 232 13.86 0.49 -7.00
CA SER A 232 12.67 1.10 -7.60
C SER A 232 12.50 2.58 -7.31
N GLY A 233 13.32 3.08 -6.38
CA GLY A 233 13.25 4.48 -5.98
C GLY A 233 14.00 4.68 -4.69
N GLY A 234 13.92 5.89 -4.15
CA GLY A 234 14.57 6.24 -2.88
C GLY A 234 15.88 7.01 -2.87
N ASP A 235 16.32 7.39 -1.68
CA ASP A 235 17.54 8.20 -1.54
C ASP A 235 18.80 7.56 -2.13
N LEU A 236 19.75 8.42 -2.45
CA LEU A 236 21.01 7.94 -3.00
C LEU A 236 21.79 6.92 -2.17
N GLU A 237 21.73 7.04 -0.85
CA GLU A 237 22.35 6.06 0.06
C GLU A 237 21.84 4.62 -0.15
N ILE A 238 20.62 4.50 -0.68
CA ILE A 238 19.93 3.20 -0.85
C ILE A 238 20.03 2.64 -2.25
N THR A 239 19.94 3.51 -3.25
CA THR A 239 19.91 3.03 -4.60
C THR A 239 21.29 2.70 -5.15
N MET A 240 22.32 2.98 -4.37
CA MET A 240 23.68 2.72 -4.81
C MET A 240 24.42 1.99 -3.71
N HIS A 241 25.45 1.24 -4.07
CA HIS A 241 26.28 0.68 -3.02
C HIS A 241 27.02 1.83 -2.38
N HIS A 242 26.77 1.99 -1.11
CA HIS A 242 27.18 3.17 -0.39
C HIS A 242 27.99 2.75 0.81
N PHE A 243 29.10 3.43 0.98
CA PHE A 243 29.96 3.09 2.09
C PHE A 243 30.98 4.15 2.32
N ASN A 244 31.63 4.04 3.45
CA ASN A 244 32.56 5.06 3.82
C ASN A 244 33.94 4.48 3.70
N CYS A 245 34.74 5.09 2.82
CA CYS A 245 36.10 4.64 2.54
C CYS A 245 37.13 5.73 2.80
N ARG A 246 38.04 5.43 3.72
CA ARG A 246 39.11 6.33 4.13
C ARG A 246 38.55 7.72 4.40
N GLY A 247 37.36 7.74 4.99
CA GLY A 247 36.74 8.98 5.40
C GLY A 247 35.93 9.62 4.28
N GLU A 248 35.94 9.00 3.10
CA GLU A 248 35.16 9.55 1.99
C GLU A 248 33.88 8.73 1.85
N PHE A 249 32.79 9.36 1.42
CA PHE A 249 31.55 8.60 1.25
C PHE A 249 31.32 8.22 -0.22
N PHE A 250 31.52 6.94 -0.54
CA PHE A 250 31.31 6.44 -1.89
C PHE A 250 29.85 6.09 -2.13
N TYR A 251 29.49 6.21 -3.39
CA TYR A 251 28.16 5.91 -3.87
C TYR A 251 28.30 5.26 -5.26
N CYS A 252 28.23 3.93 -5.36
CA CYS A 252 28.49 3.22 -6.61
C CYS A 252 27.27 2.64 -7.28
N ASN A 253 27.16 2.87 -8.58
CA ASN A 253 26.06 2.32 -9.35
C ASN A 253 26.19 0.80 -9.52
N THR A 254 25.20 0.06 -9.05
CA THR A 254 25.30 -1.39 -9.05
C THR A 254 24.44 -1.99 -10.16
N THR A 255 23.86 -1.11 -10.99
CA THR A 255 23.01 -1.49 -12.12
C THR A 255 23.69 -2.62 -12.85
N GLN A 256 24.99 -2.43 -13.01
CA GLN A 256 25.87 -3.29 -13.79
C GLN A 256 26.05 -4.64 -13.11
N LEU A 257 26.06 -4.64 -11.79
CA LEU A 257 26.26 -5.86 -11.01
C LEU A 257 25.20 -6.91 -11.27
N PHE A 258 23.93 -6.51 -11.28
CA PHE A 258 22.85 -7.46 -11.49
C PHE A 258 22.51 -7.45 -12.99
N ASN A 259 23.39 -8.05 -13.81
CA ASN A 259 23.19 -8.13 -15.27
C ASN A 259 22.78 -9.55 -15.64
N ASN A 260 21.50 -9.66 -15.95
CA ASN A 260 20.83 -10.90 -16.30
C ASN A 260 21.44 -11.72 -17.44
N THR A 261 21.80 -11.08 -18.54
CA THR A 261 22.30 -11.76 -19.74
C THR A 261 23.55 -12.64 -19.59
N CYS A 262 24.50 -12.28 -18.73
CA CYS A 262 25.72 -13.08 -18.61
C CYS A 262 25.57 -14.36 -17.79
N ILE A 263 24.36 -14.69 -17.36
CA ILE A 263 24.13 -15.90 -16.58
C ILE A 263 23.49 -16.98 -17.45
N ASN A 272 31.38 -11.91 -17.83
CA ASN A 272 32.29 -12.66 -16.97
C ASN A 272 33.61 -11.93 -16.79
N GLY A 273 34.00 -11.16 -17.81
CA GLY A 273 35.21 -10.38 -17.72
C GLY A 273 35.00 -9.68 -16.40
N THR A 274 36.08 -9.19 -15.81
CA THR A 274 36.02 -8.32 -14.64
C THR A 274 35.16 -7.12 -15.06
N ILE A 275 34.00 -7.01 -14.42
CA ILE A 275 33.13 -5.85 -14.46
C ILE A 275 33.50 -4.71 -13.50
N THR A 276 33.43 -3.49 -14.00
CA THR A 276 33.81 -2.31 -13.22
C THR A 276 32.66 -1.27 -13.10
N LEU A 277 32.30 -0.98 -11.85
CA LEU A 277 31.23 -0.03 -11.45
C LEU A 277 31.69 1.42 -11.42
N PRO A 278 30.85 2.34 -11.93
CA PRO A 278 31.16 3.76 -11.77
C PRO A 278 30.79 4.26 -10.40
N CYS A 279 31.75 4.80 -9.66
CA CYS A 279 31.40 5.34 -8.37
C CYS A 279 31.66 6.84 -8.25
N LYS A 280 30.96 7.48 -7.31
CA LYS A 280 31.26 8.86 -6.94
C LYS A 280 31.45 9.10 -5.41
N ILE A 281 32.34 10.02 -5.04
CA ILE A 281 32.51 10.39 -3.64
C ILE A 281 31.72 11.67 -3.33
N LYS A 282 30.90 11.67 -2.29
CA LYS A 282 30.10 12.86 -1.98
C LYS A 282 30.43 13.56 -0.70
N GLN A 283 30.21 14.86 -0.76
CA GLN A 283 30.38 15.77 0.37
C GLN A 283 29.03 16.08 1.04
N ILE A 284 27.93 15.94 0.29
CA ILE A 284 26.59 16.12 0.90
C ILE A 284 25.88 14.76 1.08
N ILE A 285 25.56 14.39 2.32
CA ILE A 285 24.99 13.06 2.53
C ILE A 285 23.79 13.05 3.47
N ASN A 286 22.92 12.06 3.33
CA ASN A 286 21.84 11.89 4.32
C ASN A 286 22.35 11.06 5.50
N MET A 287 22.43 11.65 6.68
CA MET A 287 22.97 10.85 7.74
C MET A 287 22.05 9.63 7.95
N TRP A 288 22.67 8.48 8.11
CA TRP A 288 21.99 7.21 8.35
C TRP A 288 21.68 7.20 9.82
N GLN A 289 22.57 7.87 10.56
CA GLN A 289 22.56 7.91 12.00
C GLN A 289 21.31 8.54 12.58
N GLY A 290 20.47 9.11 11.74
CA GLY A 290 19.27 9.76 12.21
C GLY A 290 18.86 10.57 11.01
N THR A 291 18.27 11.72 11.29
CA THR A 291 17.76 12.62 10.25
C THR A 291 18.61 13.85 9.95
N GLY A 292 18.58 14.28 8.69
CA GLY A 292 19.30 15.46 8.27
C GLY A 292 20.42 15.22 7.27
N GLN A 293 20.77 16.26 6.52
CA GLN A 293 21.85 16.15 5.56
C GLN A 293 23.09 16.69 6.26
N ALA A 294 24.22 16.01 6.11
CA ALA A 294 25.48 16.51 6.62
C ALA A 294 26.38 16.97 5.49
N MET A 295 27.13 18.03 5.76
CA MET A 295 28.04 18.57 4.77
C MET A 295 29.44 18.40 5.32
N TYR A 296 30.21 17.54 4.66
CA TYR A 296 31.61 17.33 4.99
C TYR A 296 32.48 18.18 4.07
N ALA A 297 33.76 18.34 4.40
CA ALA A 297 34.65 19.20 3.62
C ALA A 297 34.96 18.53 2.29
N PRO A 298 35.47 19.29 1.31
CA PRO A 298 35.83 18.68 0.02
C PRO A 298 36.80 17.49 0.20
N PRO A 299 36.78 16.54 -0.75
CA PRO A 299 37.60 15.32 -0.78
C PRO A 299 39.05 15.67 -0.82
N ILE A 300 39.81 15.12 0.11
CA ILE A 300 41.25 15.32 0.10
C ILE A 300 41.97 14.80 -1.18
N ASP A 301 43.14 15.35 -1.45
CA ASP A 301 43.97 14.92 -2.58
C ASP A 301 44.74 13.65 -2.30
N GLY A 302 45.09 12.96 -3.37
CA GLY A 302 45.86 11.74 -3.31
C GLY A 302 44.96 10.61 -3.74
N LYS A 303 45.57 9.54 -4.25
CA LYS A 303 44.82 8.36 -4.68
C LYS A 303 44.21 7.75 -3.42
N ILE A 304 42.92 7.43 -3.51
CA ILE A 304 42.14 6.84 -2.41
C ILE A 304 41.59 5.49 -2.82
N ASN A 305 41.87 4.47 -2.01
CA ASN A 305 41.55 3.10 -2.38
C ASN A 305 41.08 2.13 -1.29
N CYS A 306 39.84 1.66 -1.37
CA CYS A 306 39.36 0.64 -0.42
C CYS A 306 39.07 -0.67 -1.12
N VAL A 307 39.62 -1.76 -0.59
CA VAL A 307 39.33 -3.09 -1.09
C VAL A 307 38.58 -3.89 -0.05
N SER A 308 37.33 -4.25 -0.34
CA SER A 308 36.50 -4.91 0.69
C SER A 308 36.02 -6.31 0.28
N ASN A 309 35.58 -7.12 1.23
CA ASN A 309 35.05 -8.45 0.88
C ASN A 309 33.54 -8.46 0.98
N ILE A 310 32.90 -8.66 -0.17
CA ILE A 310 31.46 -8.82 -0.15
C ILE A 310 31.13 -10.18 0.45
N THR A 311 30.37 -10.15 1.53
CA THR A 311 30.00 -11.33 2.30
C THR A 311 28.49 -11.47 2.44
N GLY A 312 27.76 -10.43 2.08
CA GLY A 312 26.31 -10.45 2.21
C GLY A 312 25.61 -9.43 1.34
N ILE A 313 24.32 -9.64 1.12
CA ILE A 313 23.53 -8.69 0.36
C ILE A 313 22.16 -8.47 0.99
N LEU A 314 21.62 -7.28 0.79
CA LEU A 314 20.31 -6.95 1.31
C LEU A 314 19.33 -6.77 0.16
N LEU A 315 18.24 -7.51 0.21
CA LEU A 315 17.29 -7.50 -0.87
C LEU A 315 15.87 -7.27 -0.41
N THR A 316 15.09 -6.61 -1.24
CA THR A 316 13.67 -6.43 -0.97
C THR A 316 12.90 -7.14 -2.07
N ARG A 317 11.99 -8.02 -1.69
CA ARG A 317 11.19 -8.71 -2.70
C ARG A 317 9.97 -7.92 -3.12
N ASP A 318 9.76 -7.83 -4.42
CA ASP A 318 8.69 -7.04 -4.98
C ASP A 318 7.33 -7.61 -4.60
N GLY A 319 6.41 -6.72 -4.28
CA GLY A 319 5.04 -7.05 -3.92
C GLY A 319 4.15 -7.29 -5.13
N GLY A 320 2.92 -7.75 -4.89
CA GLY A 320 2.02 -7.97 -5.99
C GLY A 320 2.58 -8.93 -7.01
N ALA A 321 3.00 -10.09 -6.53
CA ALA A 321 3.63 -11.10 -7.35
C ALA A 321 2.74 -11.59 -8.48
N ASN A 322 1.44 -11.79 -8.20
CA ASN A 322 0.51 -12.28 -9.21
C ASN A 322 0.95 -13.64 -9.79
N ASN A 323 1.13 -13.71 -11.11
CA ASN A 323 1.52 -14.96 -11.75
C ASN A 323 2.86 -15.45 -11.21
N THR A 324 3.01 -16.77 -11.15
CA THR A 324 3.99 -17.44 -10.31
C THR A 324 5.43 -17.03 -10.63
N SER A 325 5.73 -16.92 -11.92
CA SER A 325 7.09 -16.63 -12.35
C SER A 325 7.53 -15.21 -11.99
N ASN A 326 8.82 -14.97 -12.15
CA ASN A 326 9.36 -13.62 -11.99
C ASN A 326 9.22 -12.88 -10.66
N GLU A 327 9.52 -13.53 -9.54
CA GLU A 327 9.71 -12.80 -8.31
C GLU A 327 10.76 -11.76 -8.66
N THR A 328 10.57 -10.53 -8.22
CA THR A 328 11.55 -9.51 -8.57
C THR A 328 12.23 -9.04 -7.28
N PHE A 329 13.55 -9.12 -7.24
CA PHE A 329 14.28 -8.72 -6.06
C PHE A 329 15.10 -7.48 -6.31
N ARG A 330 15.06 -6.54 -5.38
CA ARG A 330 15.87 -5.34 -5.54
C ARG A 330 16.84 -5.28 -4.38
N PRO A 331 18.12 -5.06 -4.65
CA PRO A 331 19.06 -5.02 -3.56
C PRO A 331 18.54 -3.93 -2.67
N GLY A 332 18.40 -4.19 -1.38
CA GLY A 332 17.76 -3.22 -0.54
C GLY A 332 18.52 -2.78 0.69
N GLY A 333 18.59 -1.48 0.88
CA GLY A 333 19.27 -0.94 2.03
C GLY A 333 18.58 -1.36 3.31
N GLY A 334 17.26 -1.34 3.31
CA GLY A 334 16.50 -1.68 4.48
C GLY A 334 16.91 -0.78 5.62
N ASN A 335 17.19 -1.37 6.78
CA ASN A 335 17.61 -0.63 7.95
C ASN A 335 19.01 -1.08 8.34
N ILE A 336 19.85 -0.14 8.76
CA ILE A 336 21.22 -0.52 9.04
C ILE A 336 21.36 -1.49 10.20
N LYS A 337 20.43 -1.48 11.14
CA LYS A 337 20.55 -2.46 12.19
C LYS A 337 20.69 -3.85 11.59
N ASP A 338 20.27 -4.00 10.33
CA ASP A 338 20.38 -5.29 9.67
C ASP A 338 21.81 -5.69 9.43
N ASN A 339 22.70 -4.71 9.26
CA ASN A 339 24.11 -5.02 9.14
C ASN A 339 24.56 -5.72 10.42
N TRP A 340 24.15 -5.17 11.56
CA TRP A 340 24.48 -5.79 12.86
C TRP A 340 23.81 -7.15 13.01
N ARG A 341 22.53 -7.26 12.62
CA ARG A 341 21.88 -8.56 12.68
C ARG A 341 22.65 -9.60 11.90
N SER A 342 23.15 -9.23 10.73
CA SER A 342 23.92 -10.16 9.92
C SER A 342 25.16 -10.72 10.61
N GLU A 343 25.57 -10.16 11.75
CA GLU A 343 26.74 -10.69 12.45
C GLU A 343 26.40 -11.22 13.85
N LEU A 344 25.41 -10.58 14.47
CA LEU A 344 24.94 -10.90 15.81
C LEU A 344 23.89 -12.01 15.82
N TYR A 345 23.46 -12.44 14.64
CA TYR A 345 22.33 -13.38 14.51
C TYR A 345 22.36 -14.62 15.42
N LYS A 346 23.54 -15.19 15.63
CA LYS A 346 23.70 -16.47 16.35
C LYS A 346 23.84 -16.37 17.87
N TYR A 347 23.74 -15.17 18.43
CA TYR A 347 23.95 -14.99 19.87
C TYR A 347 22.73 -14.48 20.62
N LYS A 348 22.68 -14.76 21.93
CA LYS A 348 21.64 -14.17 22.78
C LYS A 348 22.09 -14.10 24.24
N VAL A 349 21.66 -13.04 24.90
CA VAL A 349 21.98 -12.85 26.29
C VAL A 349 20.92 -13.55 27.09
N VAL A 350 21.40 -14.35 28.01
CA VAL A 350 20.52 -14.98 28.95
C VAL A 350 21.01 -14.68 30.36
N GLN A 351 20.08 -14.71 31.31
CA GLN A 351 20.35 -14.35 32.68
C GLN A 351 20.41 -15.56 33.60
N ILE A 352 21.56 -15.76 34.22
CA ILE A 352 21.72 -16.85 35.16
C ILE A 352 20.93 -16.58 36.43
N VAL B 2 -3.67 9.80 16.01
CA VAL B 2 -3.26 9.70 14.61
C VAL B 2 -4.29 10.23 13.62
N GLN B 3 -3.85 11.11 12.71
CA GLN B 3 -4.67 11.53 11.57
C GLN B 3 -3.93 11.45 10.24
N LEU B 4 -4.65 11.08 9.19
CA LEU B 4 -4.12 11.05 7.82
C LEU B 4 -5.02 11.83 6.88
N VAL B 5 -4.49 12.88 6.27
CA VAL B 5 -5.30 13.75 5.45
C VAL B 5 -4.81 13.82 4.01
N GLN B 6 -5.63 13.38 3.06
CA GLN B 6 -5.23 13.38 1.65
C GLN B 6 -5.66 14.64 0.90
N SER B 7 -5.07 14.85 -0.27
CA SER B 7 -5.41 16.00 -1.12
C SER B 7 -6.75 15.70 -1.77
N GLY B 8 -7.34 16.71 -2.43
CA GLY B 8 -8.70 16.55 -2.89
C GLY B 8 -8.82 15.83 -4.23
N ALA B 9 -10.07 15.63 -4.65
CA ALA B 9 -10.42 14.86 -5.85
C ALA B 9 -9.82 15.45 -7.14
N GLU B 10 -9.53 14.55 -8.08
CA GLU B 10 -8.88 14.93 -9.35
C GLU B 10 -9.60 14.40 -10.61
N VAL B 11 -9.54 15.19 -11.68
CA VAL B 11 -10.05 14.80 -12.99
C VAL B 11 -8.92 15.01 -14.01
N LYS B 12 -8.63 13.96 -14.77
CA LYS B 12 -7.53 13.96 -15.70
C LYS B 12 -7.97 13.32 -17.01
N LYS B 13 -7.26 13.60 -18.08
CA LYS B 13 -7.54 12.96 -19.35
C LYS B 13 -6.62 11.73 -19.41
N PRO B 14 -7.00 10.67 -20.16
CA PRO B 14 -6.15 9.50 -20.36
C PRO B 14 -4.76 9.90 -20.86
N GLY B 15 -3.70 9.30 -20.33
CA GLY B 15 -2.37 9.66 -20.78
C GLY B 15 -1.74 10.71 -19.89
N ALA B 16 -2.56 11.37 -19.06
CA ALA B 16 -2.06 12.38 -18.12
C ALA B 16 -1.51 11.72 -16.86
N SER B 17 -0.96 12.52 -15.95
CA SER B 17 -0.53 12.00 -14.66
C SER B 17 -1.24 12.65 -13.51
N VAL B 18 -1.18 12.03 -12.34
CA VAL B 18 -1.82 12.55 -11.15
C VAL B 18 -0.94 12.45 -9.90
N LYS B 19 -1.01 13.43 -9.02
CA LYS B 19 -0.22 13.42 -7.80
C LYS B 19 -1.03 13.65 -6.55
N VAL B 20 -1.06 12.62 -5.69
CA VAL B 20 -1.86 12.61 -4.47
C VAL B 20 -0.94 12.77 -3.26
N SER B 21 -1.39 13.57 -2.29
CA SER B 21 -0.60 13.80 -1.10
C SER B 21 -1.26 13.16 0.10
N CYS B 22 -0.48 12.95 1.14
CA CYS B 22 -0.98 12.28 2.29
C CYS B 22 -0.28 12.83 3.52
N LYS B 23 -0.96 13.69 4.28
CA LYS B 23 -0.37 14.26 5.46
C LYS B 23 -0.65 13.49 6.74
N ALA B 24 0.41 13.06 7.40
CA ALA B 24 0.35 12.23 8.60
C ALA B 24 0.54 13.16 9.79
N SER B 25 -0.23 12.95 10.85
CA SER B 25 0.08 13.56 12.14
C SER B 25 -0.22 12.59 13.27
N GLY B 26 0.30 12.87 14.45
CA GLY B 26 -0.07 12.15 15.66
C GLY B 26 0.84 10.96 15.94
N TYR B 27 1.93 10.86 15.16
CA TYR B 27 2.95 9.83 15.38
C TYR B 27 4.27 10.23 14.73
N THR B 28 5.33 9.46 15.00
CA THR B 28 6.62 9.69 14.35
C THR B 28 6.59 9.24 12.90
N PHE B 29 6.48 10.21 12.02
CA PHE B 29 6.21 9.98 10.59
C PHE B 29 7.20 9.03 9.94
N THR B 30 8.47 9.21 10.26
CA THR B 30 9.53 8.42 9.67
C THR B 30 9.52 6.97 10.16
N GLY B 31 8.72 6.72 11.22
CA GLY B 31 8.74 5.43 11.90
C GLY B 31 8.02 4.22 11.37
N TYR B 32 7.16 4.41 10.37
CA TYR B 32 6.22 3.39 9.92
C TYR B 32 6.15 3.49 8.41
N TYR B 33 6.15 2.34 7.76
CA TYR B 33 5.96 2.25 6.32
C TYR B 33 4.64 2.91 5.96
N MET B 34 4.62 3.59 4.83
CA MET B 34 3.35 4.05 4.27
C MET B 34 2.99 3.24 3.04
N HIS B 35 1.80 2.61 3.10
CA HIS B 35 1.23 1.90 1.93
C HIS B 35 0.22 2.74 1.15
N TRP B 36 -0.01 2.39 -0.11
CA TRP B 36 -1.13 2.96 -0.90
C TRP B 36 -2.05 1.85 -1.43
N VAL B 37 -3.36 2.05 -1.34
CA VAL B 37 -4.35 1.05 -1.77
C VAL B 37 -5.47 1.75 -2.54
N ARG B 38 -5.87 1.20 -3.67
CA ARG B 38 -6.96 1.81 -4.43
C ARG B 38 -8.16 0.87 -4.57
N GLN B 39 -9.28 1.44 -5.01
CA GLN B 39 -10.52 0.69 -5.14
C GLN B 39 -11.21 1.38 -6.31
N ALA B 40 -11.21 0.66 -7.42
CA ALA B 40 -11.94 1.13 -8.56
C ALA B 40 -13.36 0.59 -8.53
N PRO B 41 -14.32 1.29 -9.14
CA PRO B 41 -15.68 0.76 -9.12
C PRO B 41 -15.65 -0.68 -9.69
N GLY B 42 -16.56 -1.56 -9.26
CA GLY B 42 -16.53 -2.94 -9.73
C GLY B 42 -15.20 -3.66 -9.57
N GLN B 43 -14.30 -3.10 -8.77
CA GLN B 43 -13.06 -3.75 -8.43
C GLN B 43 -12.99 -3.85 -6.91
N GLY B 44 -12.27 -4.85 -6.44
CA GLY B 44 -11.90 -5.01 -5.05
C GLY B 44 -10.82 -4.01 -4.69
N LEU B 45 -10.30 -4.13 -3.48
CA LEU B 45 -9.28 -3.21 -3.05
C LEU B 45 -7.96 -3.73 -3.58
N GLU B 46 -7.15 -2.80 -4.06
CA GLU B 46 -5.91 -3.16 -4.67
C GLU B 46 -4.76 -2.33 -4.11
N TRP B 47 -3.84 -3.06 -3.47
CA TRP B 47 -2.57 -2.53 -2.96
C TRP B 47 -1.67 -2.19 -4.08
N MET B 48 -1.06 -1.02 -3.94
CA MET B 48 -0.14 -0.55 -4.94
C MET B 48 1.31 -0.64 -4.55
N GLY B 49 1.61 -0.39 -3.29
CA GLY B 49 3.00 -0.33 -2.92
C GLY B 49 3.17 0.35 -1.59
N TRP B 50 4.42 0.36 -1.11
CA TRP B 50 4.79 1.05 0.12
C TRP B 50 6.07 1.82 -0.11
N ILE B 51 6.27 2.81 0.75
CA ILE B 51 7.52 3.56 0.90
C ILE B 51 8.01 3.48 2.36
N ASN B 52 9.31 3.31 2.54
CA ASN B 52 9.99 3.46 3.83
C ASN B 52 10.43 4.92 4.01
N PRO B 53 9.79 5.63 4.90
CA PRO B 53 9.94 7.08 4.96
C PRO B 53 11.33 7.56 5.27
N ASN B 54 12.04 6.93 6.20
CA ASN B 54 13.37 7.43 6.50
C ASN B 54 14.25 7.30 5.27
N SER B 55 14.22 6.12 4.65
CA SER B 55 14.98 5.89 3.43
C SER B 55 14.48 6.62 2.19
N GLY B 56 13.17 6.67 2.03
CA GLY B 56 12.57 7.04 0.77
C GLY B 56 12.48 5.84 -0.15
N GLY B 57 12.85 4.67 0.37
CA GLY B 57 12.83 3.43 -0.38
C GLY B 57 11.42 2.94 -0.66
N THR B 58 11.24 2.22 -1.76
CA THR B 58 9.91 1.81 -2.19
C THR B 58 9.82 0.38 -2.66
N ASN B 59 8.64 -0.22 -2.47
CA ASN B 59 8.29 -1.42 -3.17
C ASN B 59 6.95 -1.22 -3.82
N TYR B 60 6.85 -1.74 -5.03
CA TYR B 60 5.64 -1.58 -5.81
C TYR B 60 5.06 -2.92 -6.18
N ALA B 61 3.73 -2.95 -6.29
CA ALA B 61 3.04 -4.13 -6.76
C ALA B 61 3.55 -4.30 -8.17
N GLN B 62 3.83 -5.53 -8.57
CA GLN B 62 4.50 -5.65 -9.84
C GLN B 62 3.65 -5.17 -10.99
N LYS B 63 2.32 -5.28 -10.95
CA LYS B 63 1.71 -4.87 -12.19
C LYS B 63 1.88 -3.35 -12.36
N PHE B 64 2.11 -2.66 -11.23
CA PHE B 64 2.37 -1.21 -11.16
C PHE B 64 3.77 -0.67 -11.45
N GLN B 65 4.75 -1.55 -11.56
CA GLN B 65 6.08 -1.15 -12.03
C GLN B 65 6.11 -0.30 -13.27
N GLY B 66 6.82 0.81 -13.13
CA GLY B 66 7.17 1.63 -14.26
C GLY B 66 6.26 2.82 -14.36
N ARG B 67 5.11 2.78 -13.69
CA ARG B 67 4.22 3.91 -13.85
C ARG B 67 3.79 4.59 -12.55
N VAL B 68 4.13 3.98 -11.43
CA VAL B 68 3.84 4.51 -10.09
C VAL B 68 5.10 5.13 -9.44
N THR B 69 5.03 6.32 -8.85
CA THR B 69 6.18 6.85 -8.12
C THR B 69 5.80 7.25 -6.70
N MET B 70 6.47 6.68 -5.71
CA MET B 70 6.19 7.12 -4.35
C MET B 70 7.36 7.90 -3.76
N THR B 71 7.04 8.98 -3.07
CA THR B 71 8.07 9.84 -2.47
C THR B 71 7.53 10.35 -1.16
N ARG B 72 8.35 11.06 -0.38
CA ARG B 72 7.82 11.73 0.81
C ARG B 72 8.63 12.98 1.11
N ASP B 73 8.04 13.90 1.88
CA ASP B 73 8.71 15.10 2.36
C ASP B 73 8.58 15.11 3.88
N THR B 74 9.68 14.75 4.54
CA THR B 74 9.72 14.58 5.98
C THR B 74 9.61 15.92 6.70
N SER B 75 10.01 17.00 6.03
CA SER B 75 9.96 18.32 6.64
C SER B 75 8.53 18.73 6.97
N ILE B 76 7.59 18.14 6.24
CA ILE B 76 6.19 18.38 6.46
C ILE B 76 5.40 17.10 6.68
N SER B 77 6.08 16.01 7.05
CA SER B 77 5.42 14.72 7.34
C SER B 77 4.38 14.31 6.29
N THR B 78 4.74 14.42 5.01
CA THR B 78 3.83 14.12 3.91
C THR B 78 4.30 13.03 2.91
N ALA B 79 3.48 12.05 2.58
CA ALA B 79 3.83 11.07 1.51
C ALA B 79 3.15 11.42 0.19
N TYR B 80 3.75 11.07 -0.95
CA TYR B 80 3.16 11.46 -2.22
C TYR B 80 3.14 10.21 -3.09
N MET B 81 2.06 10.05 -3.84
CA MET B 81 1.93 8.99 -4.84
C MET B 81 1.59 9.59 -6.20
N GLU B 82 2.44 9.39 -7.19
CA GLU B 82 2.15 9.87 -8.54
C GLU B 82 1.88 8.71 -9.50
N LEU B 83 0.76 8.75 -10.21
CA LEU B 83 0.47 7.69 -11.17
C LEU B 83 0.45 8.34 -12.56
N SER B 84 1.34 7.86 -13.43
CA SER B 84 1.52 8.44 -14.75
C SER B 84 0.79 7.68 -15.84
N ARG B 85 0.66 8.30 -17.02
CA ARG B 85 0.09 7.65 -18.18
C ARG B 85 -1.25 7.01 -17.85
N LEU B 86 -2.15 7.83 -17.33
CA LEU B 86 -3.39 7.33 -16.81
C LEU B 86 -4.28 6.67 -17.84
N ARG B 87 -4.94 5.60 -17.42
CA ARG B 87 -5.88 4.94 -18.28
C ARG B 87 -7.20 5.13 -17.60
N SER B 88 -8.26 5.05 -18.38
CA SER B 88 -9.59 5.17 -17.85
C SER B 88 -9.90 4.19 -16.71
N ASP B 89 -9.43 2.94 -16.77
CA ASP B 89 -9.66 2.03 -15.62
C ASP B 89 -8.79 2.31 -14.39
N ASP B 90 -8.03 3.39 -14.44
CA ASP B 90 -7.40 3.92 -13.24
C ASP B 90 -8.36 4.83 -12.46
N THR B 91 -9.57 5.01 -12.99
CA THR B 91 -10.60 5.75 -12.27
C THR B 91 -10.83 4.97 -11.00
N ALA B 92 -10.66 5.64 -9.86
CA ALA B 92 -10.69 4.96 -8.58
C ALA B 92 -10.56 5.91 -7.40
N VAL B 93 -10.86 5.39 -6.21
CA VAL B 93 -10.45 6.10 -5.02
C VAL B 93 -9.06 5.60 -4.59
N TYR B 94 -8.12 6.54 -4.43
CA TYR B 94 -6.78 6.19 -4.00
C TYR B 94 -6.64 6.58 -2.54
N TYR B 95 -6.22 5.62 -1.71
CA TYR B 95 -6.02 5.82 -0.27
C TYR B 95 -4.57 5.62 0.16
N CYS B 96 -4.13 6.34 1.19
CA CYS B 96 -2.90 5.98 1.87
C CYS B 96 -3.17 5.36 3.24
N ALA B 97 -2.41 4.34 3.60
CA ALA B 97 -2.69 3.58 4.80
C ALA B 97 -1.45 3.26 5.59
N ARG B 98 -1.61 3.04 6.89
CA ARG B 98 -0.50 2.81 7.79
C ARG B 98 -0.75 1.62 8.70
N GLY B 99 0.33 0.97 9.12
CA GLY B 99 0.25 -0.24 9.93
C GLY B 99 -0.23 0.01 11.35
N LYS B 100 -0.75 -1.04 11.98
CA LYS B 100 -1.32 -0.93 13.32
C LYS B 100 -0.30 -0.55 14.36
N TYR B 101 -0.69 0.36 15.25
CA TYR B 101 0.17 0.79 16.32
C TYR B 101 0.42 -0.34 17.30
N CYS B 102 1.64 -0.42 17.82
CA CYS B 102 1.97 -1.44 18.79
C CYS B 102 3.18 -1.03 19.63
N TYR B 107 5.74 -4.47 15.11
CA TYR B 107 4.40 -4.50 14.57
C TYR B 107 4.36 -5.26 13.25
N TYR B 108 3.21 -5.84 12.95
CA TYR B 108 3.03 -6.60 11.71
C TYR B 108 3.18 -5.70 10.49
N ASN B 109 2.63 -4.50 10.58
CA ASN B 109 2.72 -3.51 9.51
C ASN B 109 1.83 -3.68 8.30
N TRP B 110 0.79 -4.50 8.42
CA TRP B 110 -0.12 -4.69 7.30
C TRP B 110 -1.51 -4.44 7.80
N ASP B 111 -1.73 -4.74 9.06
CA ASP B 111 -3.05 -4.63 9.61
C ASP B 111 -3.32 -3.15 9.49
N PHE B 112 -4.22 -2.78 8.61
CA PHE B 112 -4.41 -1.38 8.32
C PHE B 112 -5.41 -0.64 9.19
N GLN B 113 -4.87 -0.08 10.25
CA GLN B 113 -5.56 0.50 11.38
C GLN B 113 -5.98 1.91 11.00
N HIS B 114 -5.15 2.59 10.22
CA HIS B 114 -5.44 3.97 9.89
C HIS B 114 -5.48 4.24 8.39
N TRP B 115 -6.54 4.91 7.93
CA TRP B 115 -6.72 5.26 6.52
C TRP B 115 -6.86 6.78 6.31
N GLY B 116 -6.33 7.30 5.20
CA GLY B 116 -6.69 8.65 4.77
C GLY B 116 -8.17 8.69 4.41
N GLN B 117 -8.72 9.89 4.14
CA GLN B 117 -10.15 9.99 3.82
C GLN B 117 -10.33 9.61 2.37
N GLY B 118 -9.24 9.45 1.65
CA GLY B 118 -9.37 9.14 0.25
C GLY B 118 -9.32 10.32 -0.69
N THR B 119 -8.77 10.03 -1.85
CA THR B 119 -8.76 11.01 -2.91
C THR B 119 -9.36 10.32 -4.11
N LEU B 120 -10.45 10.91 -4.62
CA LEU B 120 -11.06 10.40 -5.83
C LEU B 120 -10.36 10.89 -7.07
N VAL B 121 -10.03 9.95 -7.95
CA VAL B 121 -9.50 10.30 -9.27
C VAL B 121 -10.36 9.77 -10.40
N THR B 122 -10.92 10.69 -11.17
CA THR B 122 -11.63 10.28 -12.37
C THR B 122 -10.81 10.59 -13.64
N VAL B 123 -10.58 9.51 -14.40
CA VAL B 123 -9.88 9.47 -15.68
C VAL B 123 -10.90 9.18 -16.80
N SER B 124 -10.98 10.09 -17.73
CA SER B 124 -11.95 10.01 -18.80
C SER B 124 -11.50 10.89 -19.90
N SER B 125 -11.86 10.50 -21.10
CA SER B 125 -11.50 11.28 -22.26
C SER B 125 -12.48 12.44 -22.38
N ALA B 126 -13.51 12.42 -21.53
CA ALA B 126 -14.59 13.40 -21.55
C ALA B 126 -14.01 14.70 -21.00
N SER B 127 -14.70 15.82 -21.22
CA SER B 127 -14.26 17.08 -20.63
C SER B 127 -15.30 17.68 -19.72
N THR B 128 -14.86 18.53 -18.78
CA THR B 128 -15.76 19.20 -17.84
C THR B 128 -16.93 19.77 -18.63
N LYS B 129 -18.14 19.51 -18.18
CA LYS B 129 -19.31 19.96 -18.91
C LYS B 129 -20.52 20.21 -18.02
N GLY B 130 -21.17 21.34 -18.23
CA GLY B 130 -22.38 21.69 -17.50
C GLY B 130 -23.50 20.81 -18.03
N PRO B 131 -24.51 20.52 -17.19
CA PRO B 131 -25.62 19.70 -17.68
C PRO B 131 -26.66 20.41 -18.54
N SER B 132 -27.40 19.60 -19.27
CA SER B 132 -28.63 19.99 -19.93
C SER B 132 -29.79 19.61 -19.03
N VAL B 133 -30.82 20.44 -18.93
CA VAL B 133 -31.94 20.12 -18.02
C VAL B 133 -33.31 20.06 -18.73
N PHE B 134 -33.92 18.89 -18.74
CA PHE B 134 -35.16 18.75 -19.50
C PHE B 134 -36.35 18.46 -18.57
N PRO B 135 -37.52 19.02 -18.88
CA PRO B 135 -38.66 18.71 -18.02
C PRO B 135 -39.24 17.31 -18.17
N LEU B 136 -39.69 16.71 -17.06
CA LEU B 136 -40.54 15.54 -17.17
C LEU B 136 -42.00 15.86 -16.83
N ALA B 137 -42.79 16.17 -17.85
CA ALA B 137 -44.09 16.83 -17.69
C ALA B 137 -45.15 15.85 -17.22
N PRO B 138 -46.08 16.29 -16.36
CA PRO B 138 -47.10 15.43 -15.72
C PRO B 138 -47.75 14.41 -16.68
N THR B 147 -54.13 10.54 -10.15
CA THR B 147 -52.82 10.32 -9.55
C THR B 147 -51.72 10.86 -10.50
N ALA B 148 -50.65 11.49 -9.97
CA ALA B 148 -49.61 12.04 -10.87
C ALA B 148 -48.18 12.21 -10.29
N ALA B 149 -47.22 12.07 -11.22
CA ALA B 149 -45.77 12.40 -11.15
C ALA B 149 -45.18 13.47 -12.07
N LEU B 150 -44.15 14.19 -11.60
CA LEU B 150 -43.46 15.16 -12.46
C LEU B 150 -41.98 15.19 -12.10
N GLY B 151 -41.12 15.76 -12.97
CA GLY B 151 -39.69 15.76 -12.68
C GLY B 151 -38.76 16.58 -13.55
N CYS B 152 -37.45 16.34 -13.35
CA CYS B 152 -36.42 16.94 -14.18
C CYS B 152 -35.45 15.86 -14.58
N LEU B 153 -35.03 15.94 -15.83
CA LEU B 153 -34.05 15.04 -16.37
C LEU B 153 -32.76 15.82 -16.56
N VAL B 154 -31.71 15.40 -15.86
CA VAL B 154 -30.44 16.15 -15.77
C VAL B 154 -29.37 15.38 -16.55
N LYS B 155 -29.15 15.78 -17.80
CA LYS B 155 -28.48 14.91 -18.78
C LYS B 155 -27.17 15.52 -19.28
N ASP B 156 -26.17 14.65 -19.55
CA ASP B 156 -24.92 15.04 -20.21
C ASP B 156 -24.01 16.01 -19.47
N TYR B 157 -23.76 15.73 -18.19
CA TYR B 157 -22.81 16.53 -17.44
C TYR B 157 -21.58 15.70 -17.09
N PHE B 158 -20.48 16.36 -16.75
CA PHE B 158 -19.31 15.66 -16.27
C PHE B 158 -18.35 16.62 -15.55
N PRO B 159 -17.71 16.17 -14.46
CA PRO B 159 -17.85 14.90 -13.74
C PRO B 159 -18.97 14.91 -12.65
N GLU B 160 -19.09 13.83 -11.91
CA GLU B 160 -20.02 13.79 -10.81
C GLU B 160 -19.48 14.83 -9.87
N PRO B 161 -20.32 15.45 -9.07
CA PRO B 161 -21.71 15.04 -8.91
C PRO B 161 -22.60 16.24 -8.90
N VAL B 162 -23.88 16.03 -9.13
CA VAL B 162 -24.83 17.12 -9.15
C VAL B 162 -25.86 16.95 -8.05
N THR B 163 -26.33 18.07 -7.52
CA THR B 163 -27.41 18.08 -6.53
C THR B 163 -28.68 18.68 -7.09
N VAL B 164 -29.82 18.19 -6.62
CA VAL B 164 -31.12 18.70 -7.04
C VAL B 164 -31.93 19.00 -5.78
N SER B 165 -32.50 20.20 -5.76
CA SER B 165 -33.56 20.53 -4.83
C SER B 165 -34.81 20.92 -5.60
N TRP B 166 -35.92 21.03 -4.88
CA TRP B 166 -37.15 21.51 -5.48
C TRP B 166 -37.77 22.75 -4.84
N ASN B 167 -38.09 23.75 -5.66
CA ASN B 167 -38.72 24.96 -5.17
C ASN B 167 -37.86 25.56 -4.09
N SER B 168 -36.56 25.54 -4.35
CA SER B 168 -35.57 26.16 -3.50
C SER B 168 -35.59 25.53 -2.12
N GLY B 169 -35.97 24.25 -2.08
CA GLY B 169 -35.86 23.48 -0.86
C GLY B 169 -37.21 23.37 -0.16
N ALA B 170 -38.18 24.15 -0.62
CA ALA B 170 -39.50 24.16 0.01
C ALA B 170 -40.31 22.91 -0.32
N LEU B 171 -39.90 22.19 -1.36
CA LEU B 171 -40.54 20.93 -1.73
C LEU B 171 -39.67 19.70 -1.55
N THR B 172 -39.84 19.00 -0.43
CA THR B 172 -39.02 17.82 -0.17
C THR B 172 -39.70 16.46 -0.12
N SER B 173 -40.95 16.47 0.34
CA SER B 173 -41.72 15.24 0.44
C SER B 173 -42.07 14.70 -0.94
N GLY B 174 -42.01 13.38 -1.10
CA GLY B 174 -42.40 12.76 -2.34
C GLY B 174 -41.32 12.84 -3.41
N VAL B 175 -40.18 13.44 -3.06
CA VAL B 175 -39.06 13.61 -3.98
C VAL B 175 -38.18 12.34 -4.03
N HIS B 176 -37.83 11.89 -5.23
CA HIS B 176 -36.79 10.89 -5.40
C HIS B 176 -35.74 11.40 -6.40
N THR B 177 -34.53 11.66 -5.92
CA THR B 177 -33.39 11.95 -6.79
C THR B 177 -32.52 10.72 -6.97
N PHE B 178 -32.41 10.21 -8.19
CA PHE B 178 -31.74 8.93 -8.41
C PHE B 178 -30.20 8.99 -8.51
N PRO B 179 -29.53 7.89 -8.19
CA PRO B 179 -28.10 7.74 -8.49
C PRO B 179 -27.85 7.99 -9.94
N ALA B 180 -26.79 8.73 -10.29
CA ALA B 180 -26.44 8.88 -11.69
C ALA B 180 -26.03 7.57 -12.36
N VAL B 181 -26.25 7.51 -13.66
CA VAL B 181 -25.69 6.49 -14.56
C VAL B 181 -24.64 7.04 -15.53
N LEU B 182 -23.64 6.23 -15.89
CA LEU B 182 -22.66 6.65 -16.89
C LEU B 182 -23.07 6.20 -18.30
N GLN B 183 -23.28 7.15 -19.22
CA GLN B 183 -23.70 6.84 -20.60
C GLN B 183 -22.56 6.44 -21.50
N SER B 184 -22.87 5.83 -22.64
CA SER B 184 -21.86 5.49 -23.64
C SER B 184 -21.11 6.73 -24.12
N SER B 185 -21.79 7.88 -24.10
CA SER B 185 -21.21 9.15 -24.54
C SER B 185 -20.02 9.62 -23.69
N GLY B 186 -19.88 9.05 -22.51
CA GLY B 186 -18.85 9.43 -21.56
C GLY B 186 -19.37 10.41 -20.52
N LEU B 187 -20.61 10.84 -20.69
CA LEU B 187 -21.22 11.81 -19.78
C LEU B 187 -22.21 11.16 -18.80
N TYR B 188 -22.32 11.73 -17.59
CA TYR B 188 -23.27 11.20 -16.62
C TYR B 188 -24.64 11.80 -16.87
N SER B 189 -25.68 11.09 -16.41
CA SER B 189 -27.07 11.53 -16.42
C SER B 189 -27.91 11.03 -15.25
N LEU B 190 -28.70 11.90 -14.61
CA LEU B 190 -29.64 11.41 -13.60
C LEU B 190 -31.02 12.09 -13.68
N SER B 191 -32.03 11.51 -13.02
CA SER B 191 -33.36 12.11 -12.97
C SER B 191 -33.79 12.41 -11.53
N SER B 192 -34.55 13.47 -11.35
CA SER B 192 -35.19 13.77 -10.07
C SER B 192 -36.65 13.97 -10.27
N VAL B 193 -37.44 13.29 -9.47
CA VAL B 193 -38.88 13.32 -9.64
C VAL B 193 -39.56 13.62 -8.32
N VAL B 194 -40.79 14.10 -8.37
CA VAL B 194 -41.55 14.25 -7.15
C VAL B 194 -42.94 13.84 -7.57
N THR B 195 -43.65 13.22 -6.63
CA THR B 195 -45.05 12.83 -6.80
C THR B 195 -45.99 13.71 -6.01
N VAL B 196 -47.09 14.03 -6.67
CA VAL B 196 -48.04 14.95 -6.07
C VAL B 196 -49.47 14.54 -6.41
N PRO B 197 -50.42 15.07 -5.64
CA PRO B 197 -51.83 14.93 -5.96
C PRO B 197 -52.05 15.68 -7.25
N SER B 198 -52.78 15.07 -8.17
CA SER B 198 -53.11 15.67 -9.44
C SER B 198 -53.70 17.05 -9.16
N SER B 199 -54.45 17.09 -8.07
CA SER B 199 -55.22 18.26 -7.62
C SER B 199 -54.34 19.47 -7.30
N SER B 200 -53.02 19.25 -7.16
CA SER B 200 -52.10 20.32 -6.78
C SER B 200 -51.50 21.24 -7.86
N LEU B 201 -51.56 20.84 -9.12
CA LEU B 201 -50.97 21.63 -10.20
C LEU B 201 -51.48 23.08 -10.22
N GLN B 204 -50.38 26.14 -8.89
CA GLN B 204 -49.13 26.24 -8.14
C GLN B 204 -47.83 26.02 -8.93
N THR B 205 -46.79 26.77 -8.59
CA THR B 205 -45.55 26.72 -9.34
C THR B 205 -44.54 25.68 -8.78
N TYR B 206 -43.89 24.94 -9.69
CA TYR B 206 -42.87 23.94 -9.35
C TYR B 206 -41.57 24.10 -10.13
N ILE B 207 -40.46 24.28 -9.41
CA ILE B 207 -39.16 24.53 -10.04
C ILE B 207 -38.08 23.67 -9.39
N CYS B 208 -37.30 23.00 -10.22
CA CYS B 208 -36.19 22.23 -9.71
C CYS B 208 -34.92 23.03 -9.83
N ASN B 209 -34.14 23.00 -8.77
CA ASN B 209 -32.91 23.76 -8.70
C ASN B 209 -31.79 22.75 -8.77
N VAL B 210 -31.05 22.83 -9.86
CA VAL B 210 -30.03 21.85 -10.20
C VAL B 210 -28.70 22.55 -10.11
N ASN B 211 -27.76 21.95 -9.40
CA ASN B 211 -26.45 22.54 -9.25
C ASN B 211 -25.35 21.55 -9.61
N HIS B 212 -24.49 22.00 -10.51
CA HIS B 212 -23.28 21.27 -10.86
C HIS B 212 -22.05 22.05 -10.56
N LYS B 213 -21.42 21.75 -9.43
CA LYS B 213 -20.35 22.59 -8.94
C LYS B 213 -19.15 22.56 -9.90
N PRO B 214 -18.82 21.40 -10.52
CA PRO B 214 -17.60 21.37 -11.35
C PRO B 214 -17.56 22.37 -12.53
N SER B 215 -18.70 22.61 -13.16
CA SER B 215 -18.79 23.53 -14.29
C SER B 215 -19.39 24.86 -13.88
N ASN B 216 -19.54 25.06 -12.57
CA ASN B 216 -20.17 26.25 -11.98
C ASN B 216 -21.52 26.52 -12.65
N THR B 217 -22.25 25.43 -12.92
CA THR B 217 -23.56 25.53 -13.51
C THR B 217 -24.64 25.43 -12.45
N LYS B 218 -25.61 26.33 -12.52
CA LYS B 218 -26.78 26.29 -11.68
C LYS B 218 -27.98 26.66 -12.54
N VAL B 219 -28.92 25.73 -12.68
CA VAL B 219 -30.13 25.95 -13.47
C VAL B 219 -31.37 25.80 -12.58
N ASP B 220 -32.35 26.68 -12.75
CA ASP B 220 -33.68 26.44 -12.22
C ASP B 220 -34.62 26.14 -13.38
N LYS B 221 -35.29 25.00 -13.32
CA LYS B 221 -36.30 24.69 -14.31
C LYS B 221 -37.73 24.60 -13.82
N ARG B 222 -38.58 25.47 -14.38
CA ARG B 222 -40.01 25.39 -14.16
C ARG B 222 -40.57 24.24 -14.98
N VAL B 223 -41.37 23.40 -14.35
CA VAL B 223 -41.97 22.27 -15.04
C VAL B 223 -43.48 22.50 -15.18
N GLU B 224 -43.94 22.80 -16.41
CA GLU B 224 -45.34 23.12 -16.65
C GLU B 224 -46.05 21.98 -17.36
N VAL C 3 -4.98 -16.96 -4.51
CA VAL C 3 -5.42 -15.61 -4.24
C VAL C 3 -6.42 -15.64 -3.08
N LEU C 4 -7.27 -14.63 -2.98
CA LEU C 4 -8.26 -14.57 -1.91
C LEU C 4 -9.67 -14.64 -2.47
N THR C 5 -10.37 -15.75 -2.19
CA THR C 5 -11.76 -15.85 -2.66
C THR C 5 -12.76 -15.66 -1.53
N GLN C 6 -13.55 -14.60 -1.65
CA GLN C 6 -14.47 -14.18 -0.61
C GLN C 6 -15.87 -14.51 -1.14
N SER C 7 -16.71 -15.07 -0.27
CA SER C 7 -18.06 -15.41 -0.64
C SER C 7 -18.98 -15.24 0.56
N PRO C 8 -20.29 -15.04 0.33
CA PRO C 8 -20.86 -14.94 -1.01
C PRO C 8 -20.64 -13.54 -1.55
N ALA C 9 -20.88 -13.34 -2.85
CA ALA C 9 -20.74 -12.04 -3.48
C ALA C 9 -21.61 -10.94 -2.84
N THR C 10 -22.89 -11.26 -2.64
CA THR C 10 -23.81 -10.29 -2.09
C THR C 10 -24.65 -10.86 -0.96
N LEU C 11 -25.16 -9.96 -0.13
CA LEU C 11 -25.87 -10.43 1.05
C LEU C 11 -26.98 -9.46 1.40
N SER C 12 -28.23 -9.87 1.18
CA SER C 12 -29.38 -9.03 1.49
C SER C 12 -30.00 -9.49 2.80
N LEU C 13 -29.89 -8.67 3.84
CA LEU C 13 -30.40 -9.10 5.15
C LEU C 13 -31.17 -8.04 5.93
N SER C 14 -32.02 -8.53 6.85
CA SER C 14 -32.79 -7.62 7.68
C SER C 14 -31.98 -7.34 8.94
N PRO C 15 -32.22 -6.20 9.59
CA PRO C 15 -31.64 -5.85 10.89
C PRO C 15 -31.92 -6.87 12.02
N GLY C 16 -30.91 -7.24 12.79
CA GLY C 16 -31.14 -8.23 13.84
C GLY C 16 -30.54 -9.58 13.52
N GLU C 17 -30.55 -9.92 12.23
CA GLU C 17 -30.06 -11.20 11.76
C GLU C 17 -28.54 -11.26 11.88
N THR C 18 -27.96 -12.41 11.53
CA THR C 18 -26.50 -12.55 11.56
C THR C 18 -25.97 -12.81 10.15
N ALA C 19 -24.90 -12.10 9.77
CA ALA C 19 -24.26 -12.29 8.47
C ALA C 19 -23.01 -13.17 8.55
N ILE C 20 -22.91 -14.17 7.66
CA ILE C 20 -21.70 -15.01 7.60
C ILE C 20 -20.94 -14.95 6.27
N ILE C 21 -19.84 -14.20 6.29
CA ILE C 21 -18.95 -14.07 5.13
C ILE C 21 -17.76 -15.04 5.23
N SER C 22 -17.37 -15.65 4.12
CA SER C 22 -16.32 -16.66 4.11
C SER C 22 -15.17 -16.17 3.22
N CYS C 23 -13.96 -16.61 3.50
CA CYS C 23 -12.77 -16.21 2.72
C CYS C 23 -11.77 -17.35 2.60
N ARG C 24 -11.41 -17.72 1.36
CA ARG C 24 -10.40 -18.74 1.11
C ARG C 24 -9.05 -18.22 0.62
N THR C 25 -8.04 -18.63 1.37
CA THR C 25 -6.65 -18.33 1.12
C THR C 25 -6.00 -19.64 0.74
N SER C 26 -4.79 -19.57 0.20
CA SER C 26 -4.06 -20.78 -0.17
C SER C 26 -2.67 -20.77 0.48
N GLN C 27 -2.39 -19.64 1.14
CA GLN C 27 -1.10 -19.29 1.78
C GLN C 27 -1.42 -19.05 3.22
N SER C 28 -0.62 -19.55 4.17
CA SER C 28 -0.97 -19.26 5.54
C SER C 28 -0.31 -18.00 6.04
N GLY C 29 -0.96 -17.41 7.05
CA GLY C 29 -0.59 -16.09 7.58
C GLY C 29 -1.84 -15.34 8.02
N SER C 30 -1.60 -14.25 8.72
CA SER C 30 -2.61 -13.33 9.28
C SER C 30 -3.66 -12.94 8.26
N LEU C 31 -4.93 -13.13 8.56
CA LEU C 31 -5.99 -12.71 7.64
C LEU C 31 -6.78 -11.65 8.39
N ALA C 32 -7.16 -10.58 7.70
CA ALA C 32 -7.83 -9.49 8.37
C ALA C 32 -9.14 -9.15 7.67
N TRP C 33 -10.06 -8.51 8.37
CA TRP C 33 -11.30 -8.11 7.74
C TRP C 33 -11.49 -6.61 7.88
N TYR C 34 -11.96 -6.00 6.78
CA TYR C 34 -12.28 -4.59 6.73
C TYR C 34 -13.75 -4.36 6.37
N GLN C 35 -14.26 -3.24 6.84
CA GLN C 35 -15.59 -2.81 6.50
C GLN C 35 -15.52 -1.49 5.83
N GLN C 36 -16.13 -1.37 4.67
CA GLN C 36 -16.15 -0.08 4.07
C GLN C 36 -17.59 0.37 3.90
N ARG C 37 -17.92 1.47 4.57
CA ARG C 37 -19.24 2.06 4.48
C ARG C 37 -19.22 2.99 3.28
N PRO C 38 -20.40 3.22 2.69
CA PRO C 38 -20.57 4.02 1.47
C PRO C 38 -19.95 5.41 1.68
N GLY C 39 -18.88 5.70 0.95
CA GLY C 39 -18.29 7.01 0.96
C GLY C 39 -17.28 7.31 2.06
N GLN C 40 -16.85 6.29 2.79
CA GLN C 40 -15.88 6.50 3.86
C GLN C 40 -14.73 5.56 3.58
N ALA C 41 -13.58 5.80 4.23
CA ALA C 41 -12.42 4.93 4.13
C ALA C 41 -12.68 3.63 4.87
N PRO C 42 -12.21 2.50 4.32
CA PRO C 42 -12.36 1.26 5.09
C PRO C 42 -11.83 1.39 6.52
N ARG C 43 -12.45 0.66 7.45
CA ARG C 43 -11.94 0.62 8.81
C ARG C 43 -11.65 -0.83 9.12
N LEU C 44 -10.44 -1.05 9.66
CA LEU C 44 -10.06 -2.35 10.17
C LEU C 44 -11.03 -2.82 11.22
N VAL C 45 -11.48 -4.05 11.03
CA VAL C 45 -12.47 -4.71 11.87
C VAL C 45 -11.87 -5.91 12.60
N ILE C 46 -11.01 -6.67 11.91
CA ILE C 46 -10.43 -7.87 12.53
C ILE C 46 -9.05 -8.22 11.97
N TYR C 47 -8.17 -8.72 12.81
CA TYR C 47 -6.87 -9.23 12.38
C TYR C 47 -6.53 -10.54 13.08
N SER C 48 -5.52 -11.23 12.53
CA SER C 48 -5.12 -12.56 12.96
C SER C 48 -6.25 -13.54 12.75
N GLY C 49 -7.25 -13.12 11.98
CA GLY C 49 -8.36 -13.99 11.67
C GLY C 49 -9.39 -13.89 12.79
N SER C 50 -8.93 -13.79 14.04
CA SER C 50 -9.86 -13.88 15.16
C SER C 50 -9.88 -12.73 16.17
N THR C 51 -9.08 -11.68 15.96
CA THR C 51 -8.97 -10.67 16.99
C THR C 51 -9.62 -9.34 16.64
N ARG C 52 -10.50 -8.87 17.51
CA ARG C 52 -11.18 -7.59 17.28
C ARG C 52 -10.31 -6.38 17.54
N ALA C 53 -10.56 -5.34 16.77
CA ALA C 53 -9.88 -4.06 16.94
C ALA C 53 -10.60 -3.13 17.92
N ALA C 54 -9.99 -1.96 18.09
CA ALA C 54 -10.50 -0.95 19.01
C ALA C 54 -11.80 -0.33 18.51
N GLY C 55 -12.77 -0.26 19.41
CA GLY C 55 -14.06 0.35 19.08
C GLY C 55 -14.97 -0.62 18.38
N ILE C 56 -14.44 -1.81 18.12
CA ILE C 56 -15.27 -2.86 17.54
C ILE C 56 -16.01 -3.59 18.66
N PRO C 57 -17.35 -3.59 18.60
CA PRO C 57 -18.19 -4.17 19.66
C PRO C 57 -18.30 -5.71 19.58
N ASP C 58 -18.84 -6.35 20.63
CA ASP C 58 -18.97 -7.82 20.66
C ASP C 58 -19.77 -8.41 19.49
N ARG C 59 -20.65 -7.60 18.90
CA ARG C 59 -21.54 -8.06 17.82
C ARG C 59 -20.76 -8.66 16.65
N PHE C 60 -19.56 -8.09 16.40
CA PHE C 60 -18.63 -8.58 15.37
C PHE C 60 -17.75 -9.67 15.90
N SER C 61 -17.69 -10.77 15.16
CA SER C 61 -16.84 -11.89 15.57
C SER C 61 -16.29 -12.62 14.37
N GLY C 62 -15.08 -13.13 14.49
CA GLY C 62 -14.49 -13.89 13.41
C GLY C 62 -14.14 -15.28 13.88
N SER C 63 -14.08 -16.23 12.96
CA SER C 63 -13.73 -17.58 13.33
C SER C 63 -12.99 -18.15 12.16
N ARG C 64 -12.33 -19.28 12.34
CA ARG C 64 -11.52 -19.72 11.23
C ARG C 64 -11.47 -21.25 11.04
N TRP C 65 -11.40 -21.72 9.81
CA TRP C 65 -11.14 -23.15 9.58
C TRP C 65 -10.34 -23.47 8.33
N GLY C 66 -9.06 -23.80 8.49
CA GLY C 66 -8.19 -24.05 7.35
C GLY C 66 -8.07 -22.87 6.41
N ALA C 67 -8.47 -23.04 5.16
CA ALA C 67 -8.34 -21.96 4.18
C ALA C 67 -9.55 -21.06 4.35
N ASP C 68 -10.58 -21.58 5.01
CA ASP C 68 -11.84 -20.89 5.14
C ASP C 68 -11.78 -19.93 6.31
N TYR C 69 -12.33 -18.73 6.12
CA TYR C 69 -12.29 -17.73 7.17
C TYR C 69 -13.68 -17.18 7.31
N ASN C 70 -14.21 -17.06 8.52
CA ASN C 70 -15.53 -16.49 8.57
C ASN C 70 -15.58 -15.25 9.41
N LEU C 71 -16.26 -14.24 8.88
CA LEU C 71 -16.65 -13.08 9.66
C LEU C 71 -18.15 -13.18 9.88
N SER C 72 -18.56 -13.08 11.13
CA SER C 72 -19.94 -13.21 11.54
C SER C 72 -20.34 -11.91 12.21
N ILE C 73 -21.40 -11.30 11.73
CA ILE C 73 -21.87 -10.08 12.35
C ILE C 73 -23.26 -10.35 12.90
N SER C 74 -23.35 -10.41 14.22
CA SER C 74 -24.63 -10.74 14.83
C SER C 74 -25.40 -9.50 15.27
N ASN C 75 -26.73 -9.65 15.30
CA ASN C 75 -27.63 -8.60 15.74
C ASN C 75 -27.40 -7.30 14.95
N LEU C 76 -27.47 -7.38 13.61
CA LEU C 76 -27.20 -6.24 12.73
C LEU C 76 -27.85 -4.94 13.16
N GLU C 77 -27.13 -3.84 12.95
CA GLU C 77 -27.66 -2.49 13.18
C GLU C 77 -27.15 -1.52 12.12
N SER C 78 -27.84 -0.39 11.98
CA SER C 78 -27.63 0.59 10.88
C SER C 78 -26.20 0.93 10.47
N GLY C 79 -25.28 0.95 11.42
CA GLY C 79 -23.88 1.30 11.17
C GLY C 79 -23.12 0.22 10.42
N ASP C 80 -23.59 -1.03 10.56
CA ASP C 80 -22.92 -2.23 10.06
C ASP C 80 -22.99 -2.45 8.53
N PHE C 81 -23.98 -1.89 7.83
CA PHE C 81 -24.13 -2.17 6.40
C PHE C 81 -23.03 -1.56 5.53
N GLY C 82 -22.61 -2.30 4.52
CA GLY C 82 -21.56 -1.84 3.61
C GLY C 82 -20.92 -2.98 2.82
N VAL C 83 -19.61 -2.90 2.57
CA VAL C 83 -18.96 -4.04 1.92
C VAL C 83 -17.73 -4.49 2.72
N TYR C 84 -17.49 -5.79 2.74
CA TYR C 84 -16.45 -6.35 3.58
C TYR C 84 -15.36 -7.02 2.77
N TYR C 85 -14.14 -6.88 3.26
CA TYR C 85 -12.97 -7.43 2.59
C TYR C 85 -12.14 -8.30 3.54
N CYS C 86 -11.68 -9.44 3.05
CA CYS C 86 -10.67 -10.20 3.77
C CYS C 86 -9.29 -9.81 3.24
N GLN C 87 -8.25 -9.91 4.07
CA GLN C 87 -6.94 -9.47 3.62
C GLN C 87 -5.83 -10.36 4.16
N GLN C 88 -4.85 -10.65 3.31
CA GLN C 88 -3.66 -11.39 3.69
C GLN C 88 -2.40 -10.73 3.11
N TYR C 89 -1.60 -10.09 3.97
CA TYR C 89 -0.47 -9.28 3.51
C TYR C 89 -1.00 -8.25 2.52
N GLU C 90 -0.47 -8.23 1.29
CA GLU C 90 -0.86 -7.19 0.34
C GLU C 90 -2.13 -7.53 -0.46
N PHE C 91 -2.64 -8.75 -0.32
CA PHE C 91 -3.81 -9.20 -1.10
C PHE C 91 -5.15 -9.01 -0.39
N PHE C 92 -6.16 -8.66 -1.18
CA PHE C 92 -7.51 -8.50 -0.66
C PHE C 92 -8.51 -9.43 -1.34
N GLY C 93 -9.62 -9.68 -0.67
CA GLY C 93 -10.66 -10.41 -1.35
C GLY C 93 -11.42 -9.43 -2.21
N GLN C 94 -12.31 -9.95 -3.05
CA GLN C 94 -13.08 -9.15 -4.00
C GLN C 94 -14.14 -8.34 -3.28
N GLY C 95 -14.38 -8.67 -2.02
CA GLY C 95 -15.40 -7.95 -1.30
C GLY C 95 -16.74 -8.64 -1.31
N THR C 96 -17.53 -8.37 -0.28
CA THR C 96 -18.90 -8.83 -0.21
C THR C 96 -19.78 -7.66 0.18
N LYS C 97 -20.71 -7.29 -0.70
CA LYS C 97 -21.59 -6.19 -0.34
C LYS C 97 -22.75 -6.75 0.46
N VAL C 98 -22.84 -6.25 1.70
CA VAL C 98 -23.94 -6.59 2.57
C VAL C 98 -24.89 -5.41 2.69
N GLN C 99 -26.09 -5.59 2.15
CA GLN C 99 -27.07 -4.53 2.14
C GLN C 99 -28.39 -4.89 2.83
N VAL C 100 -29.11 -3.82 3.16
CA VAL C 100 -30.34 -3.89 3.94
C VAL C 100 -31.57 -4.04 3.06
N ASP C 101 -32.41 -5.00 3.42
CA ASP C 101 -33.72 -5.14 2.81
C ASP C 101 -34.66 -5.35 3.96
N ILE C 102 -35.32 -4.27 4.37
CA ILE C 102 -36.30 -4.38 5.42
C ILE C 102 -37.53 -5.08 4.91
N LYS C 103 -37.91 -6.14 5.60
CA LYS C 103 -39.03 -6.93 5.16
C LYS C 103 -40.30 -6.14 5.35
N ARG C 104 -41.23 -6.27 4.41
CA ARG C 104 -42.51 -5.55 4.49
C ARG C 104 -43.47 -6.31 3.59
N THR C 105 -44.72 -5.90 3.63
CA THR C 105 -45.69 -6.53 2.76
C THR C 105 -45.36 -6.09 1.34
N VAL C 106 -45.61 -6.95 0.36
CA VAL C 106 -45.34 -6.69 -1.05
C VAL C 106 -46.15 -5.50 -1.52
N ALA C 107 -45.52 -4.58 -2.24
CA ALA C 107 -46.22 -3.42 -2.78
C ALA C 107 -45.93 -3.25 -4.24
N ALA C 108 -47.00 -3.22 -5.03
CA ALA C 108 -46.89 -3.05 -6.45
C ALA C 108 -46.48 -1.61 -6.83
N PRO C 109 -45.75 -1.48 -7.94
CA PRO C 109 -45.23 -0.23 -8.50
C PRO C 109 -46.26 0.65 -9.18
N SER C 110 -46.14 1.96 -8.97
CA SER C 110 -46.83 2.90 -9.84
C SER C 110 -46.01 3.23 -11.08
N VAL C 111 -46.60 3.13 -12.25
CA VAL C 111 -45.82 3.25 -13.47
C VAL C 111 -46.21 4.52 -14.21
N PHE C 112 -45.21 5.32 -14.59
CA PHE C 112 -45.47 6.54 -15.34
C PHE C 112 -44.51 6.53 -16.50
N ILE C 113 -44.97 6.95 -17.68
CA ILE C 113 -44.06 7.09 -18.79
C ILE C 113 -44.06 8.56 -19.18
N PHE C 114 -42.87 9.04 -19.51
CA PHE C 114 -42.64 10.43 -19.90
C PHE C 114 -42.04 10.44 -21.28
N PRO C 115 -42.70 11.15 -22.20
CA PRO C 115 -42.18 11.39 -23.53
C PRO C 115 -41.07 12.43 -23.43
N PRO C 116 -40.24 12.53 -24.46
CA PRO C 116 -39.16 13.52 -24.52
C PRO C 116 -39.65 14.98 -24.52
N SER C 117 -38.92 15.87 -23.85
CA SER C 117 -39.31 17.28 -23.85
C SER C 117 -39.06 17.83 -25.27
N ASP C 118 -39.75 18.90 -25.66
CA ASP C 118 -39.47 19.48 -26.97
C ASP C 118 -38.06 20.01 -27.12
N GLU C 119 -37.58 20.58 -26.03
CA GLU C 119 -36.26 21.16 -25.95
C GLU C 119 -35.21 20.08 -26.25
N GLN C 120 -35.46 18.88 -25.74
CA GLN C 120 -34.53 17.79 -25.99
C GLN C 120 -34.58 17.37 -27.44
N LEU C 121 -35.78 17.25 -28.01
CA LEU C 121 -35.86 16.88 -29.41
C LEU C 121 -35.09 17.91 -30.24
N LYS C 122 -35.15 19.16 -29.79
CA LYS C 122 -34.42 20.23 -30.43
C LYS C 122 -32.92 19.94 -30.34
N SER C 123 -32.50 19.17 -29.34
CA SER C 123 -31.06 18.88 -29.23
C SER C 123 -30.64 17.66 -30.09
N GLY C 124 -31.61 17.01 -30.71
CA GLY C 124 -31.34 15.89 -31.63
C GLY C 124 -31.20 14.55 -30.94
N THR C 125 -31.76 14.46 -29.75
CA THR C 125 -31.79 13.23 -28.97
C THR C 125 -33.15 13.12 -28.29
N ALA C 126 -33.51 11.93 -27.90
CA ALA C 126 -34.81 11.72 -27.31
C ALA C 126 -34.62 10.72 -26.18
N SER C 127 -35.11 11.10 -25.01
CA SER C 127 -35.08 10.22 -23.86
C SER C 127 -36.51 10.00 -23.39
N VAL C 128 -36.90 8.74 -23.34
CA VAL C 128 -38.20 8.37 -22.81
C VAL C 128 -37.94 7.87 -21.39
N VAL C 129 -38.62 8.44 -20.41
CA VAL C 129 -38.30 8.02 -19.05
C VAL C 129 -39.48 7.29 -18.48
N CYS C 130 -39.20 6.16 -17.89
CA CYS C 130 -40.21 5.36 -17.27
C CYS C 130 -39.93 5.19 -15.79
N LEU C 131 -40.86 5.68 -14.98
CA LEU C 131 -40.77 5.64 -13.53
C LEU C 131 -41.64 4.55 -12.89
N LEU C 132 -41.04 3.79 -11.95
CA LEU C 132 -41.71 2.79 -11.11
C LEU C 132 -41.68 3.19 -9.64
N ASN C 133 -42.82 3.60 -9.09
CA ASN C 133 -42.85 4.21 -7.80
C ASN C 133 -43.32 3.36 -6.63
N ASN C 134 -42.59 3.49 -5.51
CA ASN C 134 -42.98 2.90 -4.25
C ASN C 134 -43.30 1.42 -4.10
N PHE C 135 -42.38 0.59 -4.51
CA PHE C 135 -42.63 -0.84 -4.66
C PHE C 135 -41.72 -1.68 -3.76
N TYR C 136 -42.13 -2.92 -3.55
CA TYR C 136 -41.39 -3.92 -2.80
C TYR C 136 -41.75 -5.33 -3.19
N PRO C 137 -40.75 -6.23 -3.24
CA PRO C 137 -39.33 -5.99 -2.95
C PRO C 137 -38.58 -5.32 -4.10
N ARG C 138 -37.28 -5.12 -3.92
CA ARG C 138 -36.48 -4.31 -4.84
C ARG C 138 -36.39 -4.90 -6.23
N GLU C 139 -36.41 -6.22 -6.32
CA GLU C 139 -36.36 -6.88 -7.60
C GLU C 139 -37.57 -6.45 -8.41
N ALA C 140 -37.34 -6.12 -9.66
CA ALA C 140 -38.37 -5.67 -10.59
C ALA C 140 -37.82 -5.74 -12.01
N LYS C 141 -38.68 -5.87 -13.01
CA LYS C 141 -38.20 -5.94 -14.38
C LYS C 141 -38.85 -4.88 -15.26
N VAL C 142 -38.05 -4.20 -16.07
CA VAL C 142 -38.53 -3.20 -17.03
C VAL C 142 -38.27 -3.68 -18.45
N GLN C 143 -39.22 -3.45 -19.33
CA GLN C 143 -39.12 -3.98 -20.66
C GLN C 143 -39.47 -2.86 -21.64
N TRP C 144 -38.50 -2.28 -22.30
CA TRP C 144 -38.85 -1.24 -23.25
C TRP C 144 -39.24 -1.86 -24.56
N LYS C 145 -40.32 -1.34 -25.12
CA LYS C 145 -40.79 -1.75 -26.41
C LYS C 145 -41.16 -0.52 -27.16
N VAL C 146 -40.64 -0.42 -28.37
CA VAL C 146 -40.90 0.71 -29.24
C VAL C 146 -41.55 0.21 -30.49
N ASP C 147 -42.86 0.43 -30.57
CA ASP C 147 -43.67 -0.17 -31.60
C ASP C 147 -43.52 -1.69 -31.58
N ASN C 148 -43.77 -2.28 -30.41
CA ASN C 148 -43.75 -3.74 -30.19
C ASN C 148 -42.41 -4.38 -30.44
N ALA C 149 -41.38 -3.56 -30.59
CA ALA C 149 -40.03 -4.06 -30.75
C ALA C 149 -39.33 -4.03 -29.40
N LEU C 150 -38.85 -5.19 -28.97
CA LEU C 150 -38.16 -5.28 -27.71
C LEU C 150 -36.84 -4.54 -27.73
N GLN C 151 -36.64 -3.66 -26.76
CA GLN C 151 -35.42 -2.88 -26.68
C GLN C 151 -34.42 -3.47 -25.70
N SER C 152 -33.41 -4.18 -26.22
CA SER C 152 -32.41 -4.80 -25.35
C SER C 152 -31.08 -4.00 -25.44
N GLY C 153 -30.74 -3.28 -24.38
CA GLY C 153 -29.48 -2.55 -24.29
C GLY C 153 -29.46 -1.11 -24.78
N ASN C 154 -30.64 -0.51 -24.90
CA ASN C 154 -30.78 0.87 -25.37
C ASN C 154 -31.18 1.76 -24.21
N SER C 155 -31.12 1.22 -23.00
CA SER C 155 -31.57 1.96 -21.84
C SER C 155 -30.68 1.83 -20.61
N GLN C 156 -30.93 2.72 -19.66
CA GLN C 156 -30.22 2.71 -18.39
C GLN C 156 -31.16 2.76 -17.17
N GLU C 157 -30.82 1.98 -16.16
CA GLU C 157 -31.61 1.92 -14.93
C GLU C 157 -30.94 2.58 -13.75
N SER C 158 -31.76 3.02 -12.80
CA SER C 158 -31.27 3.57 -11.55
C SER C 158 -32.27 3.29 -10.43
N VAL C 159 -31.78 2.82 -9.29
CA VAL C 159 -32.68 2.49 -8.20
C VAL C 159 -32.35 3.27 -6.96
N THR C 160 -33.38 3.75 -6.27
CA THR C 160 -33.20 4.44 -5.00
C THR C 160 -32.77 3.44 -3.94
N GLU C 161 -32.19 3.90 -2.83
CA GLU C 161 -32.01 2.94 -1.77
C GLU C 161 -33.36 2.72 -1.17
N GLN C 162 -33.53 1.61 -0.45
CA GLN C 162 -34.83 1.30 0.11
C GLN C 162 -35.28 2.46 0.94
N ASP C 163 -36.47 2.99 0.68
CA ASP C 163 -36.89 4.12 1.48
C ASP C 163 -36.94 3.55 2.89
N SER C 164 -36.37 4.24 3.87
CA SER C 164 -36.31 3.73 5.24
C SER C 164 -37.71 3.69 5.91
N LYS C 165 -38.62 4.58 5.46
CA LYS C 165 -39.98 4.79 6.03
C LYS C 165 -41.06 3.82 5.56
N ASP C 166 -41.24 3.64 4.27
CA ASP C 166 -42.32 2.77 3.84
C ASP C 166 -41.67 1.52 3.28
N SER C 167 -40.33 1.52 3.30
CA SER C 167 -39.51 0.39 2.90
C SER C 167 -39.63 0.06 1.44
N THR C 168 -40.10 1.01 0.65
CA THR C 168 -40.21 0.76 -0.77
C THR C 168 -39.01 1.23 -1.55
N TYR C 169 -39.05 0.88 -2.83
CA TYR C 169 -38.04 1.27 -3.75
C TYR C 169 -38.73 2.06 -4.83
N SER C 170 -37.96 2.89 -5.51
CA SER C 170 -38.48 3.60 -6.65
C SER C 170 -37.41 3.43 -7.68
N LEU C 171 -37.81 3.28 -8.93
CA LEU C 171 -36.88 2.98 -10.02
C LEU C 171 -37.05 3.87 -11.27
N SER C 172 -35.94 4.22 -11.92
CA SER C 172 -36.03 5.02 -13.13
C SER C 172 -35.30 4.36 -14.27
N SER C 173 -35.99 4.22 -15.39
CA SER C 173 -35.41 3.59 -16.58
C SER C 173 -35.47 4.57 -17.73
N THR C 174 -34.36 4.80 -18.40
CA THR C 174 -34.34 5.78 -19.47
C THR C 174 -33.93 5.16 -20.79
N LEU C 175 -34.82 5.23 -21.77
CA LEU C 175 -34.49 4.75 -23.12
C LEU C 175 -34.15 5.92 -24.03
N THR C 176 -32.93 5.92 -24.56
CA THR C 176 -32.43 7.00 -25.38
C THR C 176 -32.21 6.64 -26.86
N LEU C 177 -32.58 7.57 -27.75
CA LEU C 177 -32.45 7.33 -29.19
C LEU C 177 -32.13 8.62 -29.89
N SER C 178 -31.52 8.49 -31.07
CA SER C 178 -31.31 9.62 -31.95
C SER C 178 -32.65 10.16 -32.35
N LYS C 179 -32.76 11.48 -32.54
CA LYS C 179 -34.02 12.07 -32.98
C LYS C 179 -34.50 11.41 -34.29
N ALA C 180 -33.55 11.09 -35.17
CA ALA C 180 -33.89 10.44 -36.42
C ALA C 180 -34.49 9.05 -36.19
N ASP C 181 -33.90 8.27 -35.28
CA ASP C 181 -34.46 6.95 -34.96
C ASP C 181 -35.81 7.13 -34.28
N TYR C 182 -35.88 8.12 -33.38
CA TYR C 182 -37.09 8.41 -32.63
C TYR C 182 -38.31 8.77 -33.50
N GLU C 183 -38.09 9.48 -34.61
CA GLU C 183 -39.21 9.90 -35.46
C GLU C 183 -39.63 8.86 -36.50
N LYS C 184 -38.96 7.72 -36.44
CA LYS C 184 -39.24 6.55 -37.25
C LYS C 184 -40.40 5.68 -36.76
N HIS C 185 -40.63 5.65 -35.45
CA HIS C 185 -41.58 4.72 -34.84
C HIS C 185 -42.72 5.32 -33.99
N LYS C 186 -43.87 4.65 -33.90
CA LYS C 186 -45.01 5.30 -33.27
C LYS C 186 -45.33 4.96 -31.81
N VAL C 187 -45.42 3.68 -31.46
CA VAL C 187 -45.82 3.27 -30.12
C VAL C 187 -44.64 3.03 -29.16
N TYR C 188 -44.48 3.91 -28.16
CA TYR C 188 -43.39 3.74 -27.16
C TYR C 188 -44.02 3.26 -25.88
N ALA C 189 -43.68 2.02 -25.57
CA ALA C 189 -44.23 1.27 -24.46
C ALA C 189 -43.18 0.89 -23.44
N CYS C 190 -43.63 0.90 -22.21
CA CYS C 190 -42.87 0.49 -21.07
C CYS C 190 -43.58 -0.63 -20.31
N GLU C 191 -42.98 -1.82 -20.26
CA GLU C 191 -43.61 -2.99 -19.63
C GLU C 191 -42.92 -3.44 -18.32
N VAL C 192 -43.66 -3.44 -17.22
CA VAL C 192 -43.12 -3.74 -15.89
C VAL C 192 -43.60 -5.07 -15.34
N THR C 193 -42.67 -5.93 -14.90
CA THR C 193 -43.12 -7.17 -14.26
C THR C 193 -42.64 -7.12 -12.81
N HIS C 194 -43.48 -7.54 -11.87
CA HIS C 194 -43.10 -7.48 -10.46
C HIS C 194 -43.96 -8.45 -9.63
N GLN C 195 -43.52 -8.74 -8.41
CA GLN C 195 -44.21 -9.70 -7.55
C GLN C 195 -45.62 -9.31 -7.14
N GLY C 196 -45.87 -8.00 -7.07
CA GLY C 196 -47.17 -7.50 -6.64
C GLY C 196 -48.15 -7.46 -7.80
N LEU C 197 -47.62 -7.66 -9.00
CA LEU C 197 -48.41 -7.66 -10.23
C LEU C 197 -48.75 -9.07 -10.71
N SER C 198 -50.04 -9.40 -10.79
CA SER C 198 -50.43 -10.71 -11.30
C SER C 198 -50.01 -10.94 -12.75
N SER C 199 -49.82 -9.86 -13.49
CA SER C 199 -49.30 -9.95 -14.84
C SER C 199 -48.59 -8.66 -15.21
N PRO C 200 -47.60 -8.74 -16.11
CA PRO C 200 -46.83 -7.53 -16.47
C PRO C 200 -47.75 -6.40 -16.91
N VAL C 201 -47.41 -5.19 -16.50
CA VAL C 201 -48.19 -3.97 -16.78
C VAL C 201 -47.52 -3.05 -17.80
N THR C 202 -48.26 -2.66 -18.84
CA THR C 202 -47.68 -1.82 -19.90
C THR C 202 -48.26 -0.40 -19.93
N LYS C 203 -47.46 0.59 -19.54
CA LYS C 203 -47.85 2.01 -19.69
C LYS C 203 -47.19 2.43 -20.97
N SER C 204 -47.91 3.16 -21.80
CA SER C 204 -47.39 3.48 -23.12
C SER C 204 -47.92 4.81 -23.65
N PHE C 205 -47.48 5.16 -24.86
CA PHE C 205 -47.92 6.37 -25.55
C PHE C 205 -47.51 6.43 -27.02
N ASN C 206 -48.27 7.23 -27.77
CA ASN C 206 -48.10 7.57 -29.17
C ASN C 206 -47.46 8.93 -29.40
N ARG C 207 -46.49 9.01 -30.30
CA ARG C 207 -45.84 10.28 -30.57
C ARG C 207 -46.86 11.39 -30.88
N GLY C 208 -47.96 11.03 -31.54
CA GLY C 208 -49.04 11.97 -31.78
C GLY C 208 -49.90 12.28 -30.56
#